data_5DRZ
#
_entry.id   5DRZ
#
_cell.length_a   49.317
_cell.length_b   60.488
_cell.length_c   169.228
_cell.angle_alpha   90.00
_cell.angle_beta   94.13
_cell.angle_gamma   90.00
#
_symmetry.space_group_name_H-M   'P 1 21 1'
#
loop_
_entity.id
_entity.type
_entity.pdbx_description
1 polymer 'HIV Antibody F240 Light Chain'
2 polymer 'HIV Antibody F240 Heavy Chain'
3 polymer 'Envelope glycoprotein gp160'
4 non-polymer 'MAGNESIUM ION'
5 water water
#
loop_
_entity_poly.entity_id
_entity_poly.type
_entity_poly.pdbx_seq_one_letter_code
_entity_poly.pdbx_strand_id
1 'polypeptide(L)'
;EFLLTQSPDSLAVTLGETATITCRSSRNILHSLNNKNYLAWYQQRPGQAPKLLVIWASMRVSGVADRFSGSGSGTDFALT
ISSLQPEDAAVYYCQHYYTTHRTFGQGTRVEIRRTVAAPSVFIFPPSDEQLKSGTASVVCLLNNFYPREAKVQWKVDNAL
QSGNSQESVTEQDSKDSTYSLSSTLTLSKADYEKHKVYACEVTHQGLSSPVTKSFNRGEC
;
L,A
2 'polypeptide(L)'
;QVQLVQSGGGVVKPGASSRLSCAASGFTFTDYYMSWIRQAPGKGLEWVAYITKDGSEKKYADSLQHRFAVSRDNANNLVF
LQLNTVEDDDTGVYYCARDDGYYDRSGYYGVFDLWGQGIRVTVSSASTKGPSVFPLAPSSKSTSGGTAALGCLVKDYFPE
PVTVSWNSGALTSGVHTFPAVLQSSGLYSLSSVVTVPSSSLGTQTYICNVNHKPSNTKVDKRVEPKSCDKTH
;
H,B
3 'polypeptide(L)' VERYLRDQQLLGIWGCSGKLICTTAVPWNASWSNKS Q,P
#
loop_
_chem_comp.id
_chem_comp.type
_chem_comp.name
_chem_comp.formula
MG non-polymer 'MAGNESIUM ION' 'Mg 2'
#
# COMPACT_ATOMS: atom_id res chain seq x y z
N PHE A 2 -20.21 18.38 12.59
CA PHE A 2 -20.06 17.88 11.19
C PHE A 2 -21.11 16.79 10.83
N LEU A 3 -22.27 17.24 10.35
CA LEU A 3 -23.41 16.33 10.14
C LEU A 3 -23.66 15.99 8.70
N LEU A 4 -24.20 14.80 8.49
CA LEU A 4 -24.69 14.38 7.20
C LEU A 4 -26.16 14.08 7.42
N THR A 5 -27.05 14.82 6.76
CA THR A 5 -28.47 14.61 6.94
C THR A 5 -29.04 14.02 5.68
N GLN A 6 -29.57 12.81 5.79
CA GLN A 6 -30.20 12.15 4.69
C GLN A 6 -31.65 12.55 4.61
N SER A 7 -32.17 12.49 3.39
CA SER A 7 -33.56 12.81 3.09
C SER A 7 -34.04 12.00 1.85
N PRO A 8 -35.21 11.36 1.93
CA PRO A 8 -36.06 11.33 3.12
C PRO A 8 -35.64 10.20 4.04
N ASP A 9 -36.32 10.06 5.18
CA ASP A 9 -36.11 8.92 6.07
C ASP A 9 -36.59 7.64 5.43
N SER A 10 -37.73 7.73 4.74
CA SER A 10 -38.37 6.58 4.14
C SER A 10 -38.89 6.90 2.74
N LEU A 11 -39.09 5.84 1.96
CA LEU A 11 -39.31 6.01 0.55
C LEU A 11 -39.96 4.78 -0.04
N ALA A 12 -41.12 4.96 -0.65
CA ALA A 12 -41.81 3.88 -1.34
C ALA A 12 -41.67 4.08 -2.84
N VAL A 13 -40.92 3.20 -3.51
CA VAL A 13 -40.70 3.32 -4.96
C VAL A 13 -41.20 2.07 -5.68
N THR A 14 -41.75 2.23 -6.87
CA THR A 14 -42.31 1.13 -7.63
C THR A 14 -41.23 0.37 -8.41
N LEU A 15 -41.43 -0.93 -8.59
CA LEU A 15 -40.55 -1.76 -9.45
C LEU A 15 -40.43 -1.18 -10.86
N GLY A 16 -39.18 -1.04 -11.29
CA GLY A 16 -38.85 -0.49 -12.61
C GLY A 16 -38.75 1.02 -12.67
N GLU A 17 -38.91 1.66 -11.51
CA GLU A 17 -38.91 3.11 -11.42
C GLU A 17 -37.70 3.60 -10.65
N THR A 18 -37.69 4.89 -10.32
CA THR A 18 -36.47 5.57 -9.86
C THR A 18 -36.59 6.10 -8.43
N ALA A 19 -35.60 5.76 -7.61
CA ALA A 19 -35.51 6.25 -6.23
C ALA A 19 -34.41 7.30 -6.13
N THR A 20 -34.61 8.31 -5.31
CA THR A 20 -33.59 9.32 -5.08
C THR A 20 -33.44 9.58 -3.60
N ILE A 21 -32.20 9.49 -3.13
CA ILE A 21 -31.85 9.62 -1.73
C ILE A 21 -30.86 10.78 -1.59
N THR A 22 -31.26 11.81 -0.86
CA THR A 22 -30.46 13.01 -0.66
C THR A 22 -29.53 12.86 0.53
N CYS A 23 -28.30 13.36 0.38
CA CYS A 23 -27.36 13.50 1.48
C CYS A 23 -26.79 14.92 1.49
N ARG A 24 -27.12 15.70 2.52
CA ARG A 24 -26.52 17.03 2.76
C ARG A 24 -25.46 16.98 3.83
N SER A 25 -24.36 17.67 3.57
CA SER A 25 -23.28 17.83 4.52
C SER A 25 -23.33 19.23 5.11
N SER A 26 -22.99 19.34 6.40
CA SER A 26 -22.84 20.63 7.07
C SER A 26 -21.79 21.52 6.45
N ARG A 27 -20.75 20.92 5.89
CA ARG A 27 -19.65 21.66 5.28
C ARG A 27 -19.17 21.00 3.98
N ASN A 28 -18.36 21.74 3.23
CA ASN A 28 -17.75 21.23 2.01
C ASN A 28 -16.80 20.08 2.24
N ILE A 29 -16.86 19.13 1.31
CA ILE A 29 -16.10 17.90 1.40
C ILE A 29 -15.36 17.60 0.08
N LEU A 30 -14.85 18.66 -0.54
CA LEU A 30 -14.18 18.60 -1.82
C LEU A 30 -12.75 19.07 -1.66
N HIS A 31 -11.78 18.16 -1.66
CA HIS A 31 -10.36 18.58 -1.53
C HIS A 31 -9.77 19.16 -2.82
N SER A 32 -8.70 19.92 -2.64
CA SER A 32 -8.04 20.70 -3.71
C SER A 32 -7.12 19.84 -4.59
N LEU A 33 -6.34 18.97 -3.97
CA LEU A 33 -5.38 18.16 -4.72
C LEU A 33 -6.06 16.88 -5.22
N ASN A 34 -6.98 17.11 -6.17
CA ASN A 34 -7.77 16.12 -6.95
C ASN A 34 -9.21 16.57 -7.31
N ASN A 35 -9.74 17.55 -6.59
CA ASN A 35 -11.03 18.16 -6.92
C ASN A 35 -12.15 17.13 -6.98
N LYS A 36 -12.16 16.27 -5.96
CA LYS A 36 -13.16 15.24 -5.78
C LYS A 36 -13.81 15.42 -4.43
N ASN A 37 -15.07 15.02 -4.35
CA ASN A 37 -15.82 15.00 -3.11
C ASN A 37 -15.61 13.67 -2.40
N TYR A 38 -15.32 13.73 -1.10
CA TYR A 38 -14.99 12.55 -0.30
C TYR A 38 -16.23 12.03 0.39
N LEU A 39 -17.15 11.49 -0.40
CA LEU A 39 -18.38 10.89 0.10
C LEU A 39 -18.51 9.49 -0.44
N ALA A 40 -19.14 8.61 0.35
CA ALA A 40 -19.43 7.23 -0.09
C ALA A 40 -20.89 6.86 0.17
N TRP A 41 -21.37 5.82 -0.50
CA TRP A 41 -22.70 5.28 -0.27
C TRP A 41 -22.67 3.79 0.04
N TYR A 42 -23.49 3.36 1.00
CA TYR A 42 -23.62 1.94 1.34
C TYR A 42 -25.04 1.45 1.17
N GLN A 43 -25.16 0.14 0.99
CA GLN A 43 -26.46 -0.56 0.96
C GLN A 43 -26.48 -1.59 2.06
N GLN A 44 -27.54 -1.60 2.86
CA GLN A 44 -27.72 -2.60 3.90
C GLN A 44 -29.09 -3.28 3.77
N ARG A 45 -29.07 -4.51 3.29
CA ARG A 45 -30.26 -5.36 3.30
C ARG A 45 -30.42 -5.87 4.73
N PRO A 46 -31.67 -6.14 5.13
CA PRO A 46 -31.86 -6.44 6.57
C PRO A 46 -31.21 -7.78 6.92
N GLY A 47 -30.61 -7.85 8.11
CA GLY A 47 -29.85 -9.02 8.57
C GLY A 47 -28.54 -9.23 7.82
N GLN A 48 -28.06 -8.17 7.19
CA GLN A 48 -26.77 -8.18 6.50
C GLN A 48 -26.02 -6.94 6.89
N ALA A 49 -24.71 -7.00 6.73
CA ALA A 49 -23.85 -5.86 6.98
C ALA A 49 -23.91 -4.94 5.74
N PRO A 50 -23.62 -3.65 5.93
CA PRO A 50 -23.51 -2.71 4.82
C PRO A 50 -22.58 -3.18 3.69
N LYS A 51 -22.95 -2.81 2.47
CA LYS A 51 -22.17 -3.07 1.29
C LYS A 51 -21.89 -1.75 0.63
N LEU A 52 -20.61 -1.46 0.41
CA LEU A 52 -20.19 -0.24 -0.28
C LEU A 52 -20.55 -0.28 -1.77
N LEU A 53 -21.11 0.82 -2.26
CA LEU A 53 -21.53 0.97 -3.67
C LEU A 53 -20.74 2.03 -4.45
N VAL A 54 -20.59 3.22 -3.87
CA VAL A 54 -20.04 4.37 -4.54
C VAL A 54 -18.97 5.02 -3.68
N ILE A 55 -17.92 5.49 -4.33
CA ILE A 55 -16.88 6.29 -3.69
C ILE A 55 -16.68 7.52 -4.53
N TRP A 56 -16.02 8.51 -3.95
CA TRP A 56 -15.79 9.77 -4.61
C TRP A 56 -17.10 10.42 -5.11
N ALA A 57 -18.18 10.23 -4.35
CA ALA A 57 -19.52 10.75 -4.68
C ALA A 57 -20.22 10.15 -5.90
N SER A 58 -19.48 9.83 -6.97
CA SER A 58 -20.10 9.39 -8.22
C SER A 58 -19.47 8.18 -8.90
N MET A 59 -18.43 7.58 -8.31
CA MET A 59 -17.80 6.40 -8.91
C MET A 59 -18.35 5.12 -8.35
N ARG A 60 -18.91 4.30 -9.22
CA ARG A 60 -19.40 2.98 -8.87
C ARG A 60 -18.21 2.08 -8.54
N VAL A 61 -18.44 1.08 -7.71
CA VAL A 61 -17.42 0.13 -7.32
C VAL A 61 -17.66 -1.13 -8.14
N SER A 62 -16.62 -1.95 -8.30
CA SER A 62 -16.73 -3.25 -8.97
C SER A 62 -17.88 -4.11 -8.42
N GLY A 63 -18.61 -4.74 -9.34
CA GLY A 63 -19.76 -5.60 -9.01
C GLY A 63 -20.97 -4.86 -8.49
N VAL A 64 -21.18 -3.65 -8.99
CA VAL A 64 -22.35 -2.85 -8.63
C VAL A 64 -23.04 -2.44 -9.90
N ALA A 65 -24.35 -2.71 -9.99
CA ALA A 65 -25.09 -2.45 -11.22
C ALA A 65 -25.08 -0.96 -11.59
N ASP A 66 -25.26 -0.69 -12.88
N ASP A 66 -25.24 -0.71 -12.90
CA ASP A 66 -25.27 0.67 -13.39
CA ASP A 66 -25.32 0.63 -13.48
C ASP A 66 -26.52 1.47 -12.97
C ASP A 66 -26.53 1.45 -12.99
N ARG A 67 -27.49 0.79 -12.35
CA ARG A 67 -28.68 1.44 -11.83
C ARG A 67 -28.36 2.36 -10.65
N PHE A 68 -27.29 2.06 -9.92
CA PHE A 68 -26.88 2.86 -8.79
C PHE A 68 -25.93 3.95 -9.28
N SER A 69 -26.37 5.21 -9.21
CA SER A 69 -25.58 6.33 -9.72
C SER A 69 -25.47 7.44 -8.67
N GLY A 70 -24.24 7.91 -8.46
CA GLY A 70 -23.97 8.97 -7.51
C GLY A 70 -23.83 10.30 -8.21
N SER A 71 -24.13 11.38 -7.49
CA SER A 71 -24.06 12.73 -8.07
C SER A 71 -23.98 13.79 -7.01
N GLY A 72 -23.56 14.99 -7.43
CA GLY A 72 -23.59 16.20 -6.61
C GLY A 72 -22.21 16.80 -6.36
N SER A 73 -22.21 17.94 -5.68
CA SER A 73 -20.99 18.66 -5.35
C SER A 73 -21.26 19.58 -4.16
N GLY A 74 -20.19 20.19 -3.64
CA GLY A 74 -20.30 21.09 -2.50
C GLY A 74 -20.76 20.36 -1.24
N THR A 75 -22.04 20.57 -0.90
CA THR A 75 -22.63 19.98 0.27
C THR A 75 -23.89 19.20 -0.04
N ASP A 76 -24.15 18.91 -1.31
CA ASP A 76 -25.42 18.33 -1.71
C ASP A 76 -25.21 17.19 -2.70
N PHE A 77 -25.67 16.01 -2.31
CA PHE A 77 -25.37 14.81 -3.02
C PHE A 77 -26.58 13.92 -3.08
N ALA A 78 -26.54 12.98 -4.01
CA ALA A 78 -27.67 12.11 -4.23
C ALA A 78 -27.22 10.77 -4.71
N LEU A 79 -27.97 9.76 -4.28
CA LEU A 79 -27.90 8.45 -4.87
C LEU A 79 -29.25 8.20 -5.57
N THR A 80 -29.18 7.87 -6.86
CA THR A 80 -30.33 7.40 -7.60
C THR A 80 -30.25 5.95 -7.94
N ILE A 81 -31.42 5.32 -8.01
CA ILE A 81 -31.55 3.92 -8.37
C ILE A 81 -32.62 3.80 -9.42
N SER A 82 -32.18 3.57 -10.66
CA SER A 82 -33.08 3.51 -11.80
C SER A 82 -33.50 2.07 -12.01
N SER A 83 -34.58 1.84 -12.76
CA SER A 83 -35.10 0.50 -13.04
C SER A 83 -35.11 -0.38 -11.82
N LEU A 84 -35.83 0.04 -10.78
CA LEU A 84 -35.76 -0.61 -9.46
C LEU A 84 -36.03 -2.13 -9.46
N GLN A 85 -35.25 -2.87 -8.69
CA GLN A 85 -35.40 -4.31 -8.58
C GLN A 85 -35.69 -4.74 -7.14
N PRO A 86 -36.30 -5.92 -6.97
CA PRO A 86 -36.63 -6.36 -5.62
C PRO A 86 -35.46 -6.40 -4.64
N GLU A 87 -34.27 -6.70 -5.14
CA GLU A 87 -33.10 -6.80 -4.28
C GLU A 87 -32.58 -5.43 -3.82
N ASP A 88 -33.13 -4.33 -4.37
CA ASP A 88 -32.77 -3.00 -3.92
C ASP A 88 -33.50 -2.58 -2.67
N ALA A 89 -34.40 -3.44 -2.19
CA ALA A 89 -35.15 -3.10 -0.99
C ALA A 89 -34.18 -3.21 0.18
N ALA A 90 -33.85 -2.09 0.80
CA ALA A 90 -32.79 -2.02 1.78
C ALA A 90 -32.70 -0.62 2.37
N VAL A 91 -31.72 -0.41 3.26
CA VAL A 91 -31.44 0.91 3.80
C VAL A 91 -30.11 1.41 3.25
N TYR A 92 -30.07 2.68 2.82
CA TYR A 92 -28.89 3.26 2.17
C TYR A 92 -28.35 4.40 3.00
N TYR A 93 -27.06 4.37 3.27
CA TYR A 93 -26.37 5.37 4.08
C TYR A 93 -25.32 6.09 3.26
N CYS A 94 -25.13 7.38 3.53
CA CYS A 94 -24.01 8.11 2.97
C CYS A 94 -22.97 8.25 4.06
N GLN A 95 -21.70 8.30 3.68
CA GLN A 95 -20.60 8.44 4.62
C GLN A 95 -19.51 9.30 4.01
N HIS A 96 -19.01 10.26 4.79
CA HIS A 96 -17.92 11.13 4.34
C HIS A 96 -16.59 10.68 4.90
N TYR A 97 -15.52 10.94 4.17
CA TYR A 97 -14.18 10.67 4.64
C TYR A 97 -13.26 11.86 4.36
N TYR A 98 -13.81 13.04 4.57
CA TYR A 98 -13.15 14.30 4.36
C TYR A 98 -12.20 14.63 5.50
N THR A 99 -12.46 14.08 6.68
CA THR A 99 -11.56 14.15 7.80
C THR A 99 -11.38 12.75 8.37
N THR A 100 -10.57 12.65 9.41
CA THR A 100 -10.35 11.41 10.15
C THR A 100 -11.55 11.02 10.98
N HIS A 101 -12.48 11.94 11.20
CA HIS A 101 -13.70 11.63 11.96
C HIS A 101 -14.86 11.39 11.02
N ARG A 102 -14.95 10.15 10.56
CA ARG A 102 -15.96 9.77 9.61
C ARG A 102 -17.30 9.66 10.31
N THR A 103 -18.33 10.17 9.65
CA THR A 103 -19.70 10.09 10.12
C THR A 103 -20.60 9.67 8.97
N PHE A 104 -21.73 9.10 9.34
CA PHE A 104 -22.69 8.55 8.42
C PHE A 104 -23.94 9.39 8.46
N GLY A 105 -24.71 9.36 7.39
CA GLY A 105 -26.09 9.82 7.44
C GLY A 105 -26.95 8.87 8.24
N GLN A 106 -28.13 9.32 8.64
CA GLN A 106 -29.02 8.52 9.50
C GLN A 106 -29.66 7.34 8.79
N GLY A 107 -29.64 7.34 7.47
CA GLY A 107 -30.11 6.21 6.67
C GLY A 107 -31.41 6.56 5.97
N THR A 108 -31.66 5.88 4.85
CA THR A 108 -32.89 6.02 4.09
C THR A 108 -33.38 4.63 3.64
N ARG A 109 -34.60 4.28 4.06
CA ARG A 109 -35.20 3.00 3.70
C ARG A 109 -35.95 3.14 2.40
N VAL A 110 -35.73 2.17 1.53
CA VAL A 110 -36.43 2.05 0.27
C VAL A 110 -37.36 0.86 0.44
N GLU A 111 -38.65 1.16 0.43
CA GLU A 111 -39.71 0.16 0.34
C GLU A 111 -40.08 0.05 -1.11
N ILE A 112 -40.56 -1.12 -1.52
CA ILE A 112 -40.91 -1.37 -2.93
C ILE A 112 -42.41 -1.59 -3.14
N ARG A 113 -42.94 -1.00 -4.20
CA ARG A 113 -44.31 -1.22 -4.61
C ARG A 113 -44.36 -2.26 -5.72
N ARG A 114 -45.27 -3.22 -5.57
CA ARG A 114 -45.51 -4.24 -6.59
C ARG A 114 -47.01 -4.47 -6.74
N THR A 115 -47.40 -5.44 -7.57
CA THR A 115 -48.81 -5.82 -7.66
C THR A 115 -49.27 -6.46 -6.35
N VAL A 116 -50.57 -6.37 -6.10
CA VAL A 116 -51.23 -7.00 -4.97
C VAL A 116 -51.10 -8.52 -5.07
N ALA A 117 -50.69 -9.14 -3.98
CA ALA A 117 -50.60 -10.60 -3.87
C ALA A 117 -51.29 -11.05 -2.61
N ALA A 118 -52.19 -12.01 -2.73
CA ALA A 118 -52.97 -12.47 -1.61
C ALA A 118 -52.12 -13.40 -0.79
N PRO A 119 -52.34 -13.43 0.52
CA PRO A 119 -51.58 -14.33 1.38
C PRO A 119 -52.07 -15.77 1.33
N SER A 120 -51.15 -16.72 1.42
CA SER A 120 -51.48 -18.10 1.77
C SER A 120 -51.56 -18.20 3.30
N VAL A 121 -52.69 -18.68 3.81
CA VAL A 121 -52.89 -18.81 5.25
C VAL A 121 -52.66 -20.24 5.74
N PHE A 122 -51.85 -20.40 6.78
CA PHE A 122 -51.57 -21.70 7.39
C PHE A 122 -51.79 -21.58 8.91
N ILE A 123 -52.18 -22.68 9.56
CA ILE A 123 -52.37 -22.65 11.00
C ILE A 123 -51.74 -23.88 11.68
N PHE A 124 -51.18 -23.67 12.87
CA PHE A 124 -50.42 -24.68 13.56
C PHE A 124 -50.91 -24.81 14.97
N PRO A 125 -51.40 -26.02 15.34
CA PRO A 125 -51.80 -26.22 16.73
C PRO A 125 -50.58 -26.24 17.65
N PRO A 126 -50.80 -26.17 18.97
CA PRO A 126 -49.69 -26.38 19.88
C PRO A 126 -49.18 -27.82 19.84
N SER A 127 -47.88 -27.97 19.96
CA SER A 127 -47.23 -29.28 20.00
C SER A 127 -47.54 -29.98 21.32
N ASP A 128 -47.50 -31.30 21.28
CA ASP A 128 -47.65 -32.07 22.50
C ASP A 128 -46.53 -31.77 23.48
N GLU A 129 -45.37 -31.45 22.93
CA GLU A 129 -44.20 -31.09 23.72
C GLU A 129 -44.45 -29.89 24.65
N GLN A 130 -45.12 -28.86 24.12
CA GLN A 130 -45.47 -27.67 24.90
C GLN A 130 -46.60 -27.91 25.87
N LEU A 131 -47.55 -28.77 25.50
CA LEU A 131 -48.75 -29.01 26.32
C LEU A 131 -48.46 -29.67 27.67
N LYS A 132 -47.27 -30.19 27.86
CA LYS A 132 -46.82 -30.68 29.18
C LYS A 132 -46.39 -29.52 30.13
N SER A 133 -46.11 -28.35 29.55
CA SER A 133 -45.66 -27.16 30.26
C SER A 133 -46.75 -26.27 30.88
N GLY A 134 -48.02 -26.48 30.54
CA GLY A 134 -49.09 -25.65 31.11
C GLY A 134 -49.40 -24.38 30.34
N THR A 135 -48.61 -24.11 29.30
CA THR A 135 -48.88 -23.05 28.36
C THR A 135 -49.12 -23.68 26.96
N ALA A 136 -50.00 -23.04 26.17
CA ALA A 136 -50.38 -23.53 24.84
C ALA A 136 -50.34 -22.40 23.79
N SER A 137 -49.46 -22.51 22.79
CA SER A 137 -49.28 -21.50 21.74
C SER A 137 -49.86 -21.99 20.41
N VAL A 138 -50.68 -21.16 19.77
CA VAL A 138 -51.23 -21.45 18.45
C VAL A 138 -50.71 -20.42 17.49
N VAL A 139 -50.21 -20.87 16.36
CA VAL A 139 -49.58 -19.97 15.41
C VAL A 139 -50.39 -19.93 14.13
N CYS A 140 -50.58 -18.72 13.59
CA CYS A 140 -51.19 -18.52 12.29
C CYS A 140 -50.20 -17.80 11.39
N LEU A 141 -49.93 -18.37 10.22
CA LEU A 141 -48.97 -17.81 9.28
C LEU A 141 -49.68 -17.26 8.03
N LEU A 142 -49.39 -16.00 7.69
CA LEU A 142 -49.85 -15.37 6.44
C LEU A 142 -48.63 -15.19 5.54
N ASN A 143 -48.61 -15.90 4.42
CA ASN A 143 -47.38 -16.07 3.67
C ASN A 143 -47.37 -15.34 2.33
N ASN A 144 -46.30 -14.57 2.12
CA ASN A 144 -45.99 -13.98 0.83
C ASN A 144 -47.12 -13.18 0.21
N PHE A 145 -47.42 -12.05 0.84
CA PHE A 145 -48.49 -11.15 0.39
C PHE A 145 -48.00 -9.71 0.18
N TYR A 146 -48.80 -8.93 -0.53
CA TYR A 146 -48.57 -7.51 -0.74
C TYR A 146 -49.92 -6.84 -1.03
N PRO A 147 -50.22 -5.68 -0.42
CA PRO A 147 -49.33 -4.90 0.42
C PRO A 147 -49.24 -5.39 1.85
N ARG A 148 -48.40 -4.72 2.61
CA ARG A 148 -48.13 -4.97 4.02
C ARG A 148 -49.39 -5.02 4.91
N GLU A 149 -50.34 -4.15 4.60
CA GLU A 149 -51.54 -3.97 5.42
C GLU A 149 -52.38 -5.23 5.39
N ALA A 150 -52.45 -5.94 6.52
CA ALA A 150 -53.23 -7.16 6.67
C ALA A 150 -53.86 -7.21 8.06
N LYS A 151 -54.99 -7.89 8.19
CA LYS A 151 -55.75 -7.95 9.42
C LYS A 151 -56.01 -9.41 9.85
N VAL A 152 -55.66 -9.76 11.09
CA VAL A 152 -55.85 -11.11 11.63
C VAL A 152 -56.76 -11.10 12.85
N GLN A 153 -57.72 -12.05 12.88
CA GLN A 153 -58.68 -12.20 13.97
C GLN A 153 -58.63 -13.61 14.54
N TRP A 154 -58.63 -13.73 15.86
CA TRP A 154 -58.62 -15.03 16.50
C TRP A 154 -60.00 -15.31 17.07
N LYS A 155 -60.51 -16.50 16.77
CA LYS A 155 -61.77 -16.96 17.28
C LYS A 155 -61.65 -18.33 17.95
N VAL A 156 -61.87 -18.36 19.25
CA VAL A 156 -61.88 -19.61 20.04
C VAL A 156 -63.34 -19.95 20.34
N ASP A 157 -63.81 -21.06 19.79
CA ASP A 157 -65.24 -21.42 19.80
C ASP A 157 -66.08 -20.26 19.27
N ASN A 158 -65.58 -19.71 18.17
CA ASN A 158 -66.21 -18.61 17.46
C ASN A 158 -66.34 -17.32 18.28
N ALA A 159 -65.65 -17.25 19.41
CA ALA A 159 -65.63 -16.06 20.23
C ALA A 159 -64.38 -15.29 19.87
N LEU A 160 -64.52 -13.99 19.69
CA LEU A 160 -63.41 -13.15 19.28
C LEU A 160 -62.42 -12.88 20.42
N GLN A 161 -61.15 -13.05 20.13
CA GLN A 161 -60.11 -12.92 21.15
C GLN A 161 -59.46 -11.55 21.12
N SER A 162 -58.99 -11.10 22.29
CA SER A 162 -58.20 -9.87 22.39
C SER A 162 -57.33 -9.87 23.63
N GLY A 163 -56.14 -9.28 23.53
CA GLY A 163 -55.22 -9.19 24.66
C GLY A 163 -54.36 -10.43 24.89
N ASN A 164 -54.27 -11.30 23.89
CA ASN A 164 -53.57 -12.57 24.06
C ASN A 164 -52.94 -13.09 22.78
N SER A 165 -52.59 -12.20 21.87
CA SER A 165 -51.86 -12.57 20.66
C SER A 165 -50.79 -11.56 20.34
N GLN A 166 -49.80 -11.98 19.54
CA GLN A 166 -48.69 -11.11 19.09
C GLN A 166 -48.33 -11.34 17.64
N GLU A 167 -47.94 -10.26 16.95
CA GLU A 167 -47.57 -10.32 15.55
C GLU A 167 -46.12 -9.92 15.32
N SER A 168 -45.58 -10.49 14.25
CA SER A 168 -44.30 -10.10 13.71
C SER A 168 -44.36 -10.18 12.17
N VAL A 169 -43.93 -9.12 11.51
CA VAL A 169 -44.01 -9.00 10.07
C VAL A 169 -42.57 -9.13 9.60
N THR A 170 -42.33 -9.86 8.52
CA THR A 170 -40.98 -9.92 7.97
C THR A 170 -40.60 -8.61 7.32
N GLU A 171 -39.31 -8.48 7.06
CA GLU A 171 -38.77 -7.52 6.11
C GLU A 171 -39.32 -7.83 4.75
N GLN A 172 -39.20 -6.92 3.81
CA GLN A 172 -39.65 -7.23 2.47
C GLN A 172 -38.71 -8.27 1.79
N ASP A 173 -39.30 -9.25 1.13
CA ASP A 173 -38.53 -10.28 0.46
C ASP A 173 -37.68 -9.73 -0.71
N SER A 174 -36.45 -10.23 -0.80
CA SER A 174 -35.50 -9.80 -1.82
C SER A 174 -35.82 -10.27 -3.24
N LYS A 175 -36.70 -11.27 -3.37
CA LYS A 175 -37.03 -11.87 -4.68
C LYS A 175 -38.37 -11.42 -5.22
N ASP A 176 -39.43 -11.59 -4.42
CA ASP A 176 -40.79 -11.23 -4.86
C ASP A 176 -41.39 -9.99 -4.15
N SER A 177 -40.62 -9.31 -3.30
CA SER A 177 -41.06 -8.06 -2.66
C SER A 177 -42.35 -8.22 -1.84
N THR A 178 -42.56 -9.38 -1.24
CA THR A 178 -43.76 -9.63 -0.46
C THR A 178 -43.45 -9.52 1.02
N TYR A 179 -44.48 -9.69 1.83
CA TYR A 179 -44.34 -9.72 3.27
C TYR A 179 -44.96 -11.03 3.78
N SER A 180 -44.53 -11.42 4.96
CA SER A 180 -45.07 -12.56 5.64
C SER A 180 -45.40 -12.13 7.04
N LEU A 181 -46.39 -12.79 7.63
CA LEU A 181 -46.84 -12.45 8.96
C LEU A 181 -47.12 -13.67 9.83
N SER A 182 -46.69 -13.59 11.09
CA SER A 182 -47.05 -14.59 12.08
C SER A 182 -47.90 -13.92 13.13
N SER A 183 -49.00 -14.57 13.52
CA SER A 183 -49.75 -14.20 14.72
C SER A 183 -49.79 -15.40 15.67
N THR A 184 -49.35 -15.20 16.90
CA THR A 184 -49.30 -16.27 17.88
C THR A 184 -50.23 -16.02 19.04
N LEU A 185 -51.24 -16.89 19.20
CA LEU A 185 -52.18 -16.84 20.28
C LEU A 185 -51.65 -17.71 21.41
N THR A 186 -51.54 -17.13 22.60
CA THR A 186 -51.02 -17.82 23.77
C THR A 186 -52.08 -17.93 24.86
N LEU A 187 -52.36 -19.16 25.29
CA LEU A 187 -53.29 -19.46 26.37
C LEU A 187 -52.64 -20.38 27.39
N SER A 188 -53.27 -20.49 28.56
CA SER A 188 -52.91 -21.55 29.50
C SER A 188 -53.43 -22.90 28.96
N LYS A 189 -52.76 -23.97 29.36
CA LYS A 189 -53.16 -25.32 28.98
C LYS A 189 -54.62 -25.59 29.37
N ALA A 190 -55.03 -25.11 30.54
CA ALA A 190 -56.40 -25.30 31.05
C ALA A 190 -57.44 -24.65 30.15
N ASP A 191 -57.24 -23.37 29.84
CA ASP A 191 -58.12 -22.64 28.92
C ASP A 191 -58.11 -23.25 27.51
N TYR A 192 -56.95 -23.74 27.07
CA TYR A 192 -56.85 -24.39 25.76
C TYR A 192 -57.74 -25.63 25.69
N GLU A 193 -57.78 -26.38 26.79
CA GLU A 193 -58.58 -27.61 26.84
C GLU A 193 -60.03 -27.41 27.25
N LYS A 194 -60.41 -26.17 27.51
CA LYS A 194 -61.79 -25.80 27.77
C LYS A 194 -62.57 -25.53 26.49
N HIS A 195 -61.90 -25.43 25.33
CA HIS A 195 -62.57 -25.13 24.06
C HIS A 195 -62.15 -26.06 22.92
N LYS A 196 -62.91 -26.03 21.83
CA LYS A 196 -62.79 -27.01 20.75
C LYS A 196 -62.30 -26.44 19.42
N VAL A 197 -62.92 -25.33 18.98
CA VAL A 197 -62.65 -24.79 17.67
C VAL A 197 -61.70 -23.59 17.79
N TYR A 198 -60.57 -23.68 17.10
CA TYR A 198 -59.57 -22.63 17.10
C TYR A 198 -59.40 -22.09 15.68
N ALA A 199 -59.89 -20.88 15.44
CA ALA A 199 -59.88 -20.27 14.11
C ALA A 199 -59.01 -19.03 13.98
N CYS A 200 -58.47 -18.83 12.77
CA CYS A 200 -57.68 -17.65 12.42
C CYS A 200 -58.30 -17.01 11.16
N GLU A 201 -58.95 -15.86 11.33
CA GLU A 201 -59.62 -15.17 10.22
C GLU A 201 -58.76 -14.03 9.69
N VAL A 202 -58.58 -14.00 8.37
CA VAL A 202 -57.60 -13.12 7.73
C VAL A 202 -58.25 -12.22 6.68
N THR A 203 -58.01 -10.92 6.79
CA THR A 203 -58.50 -9.92 5.85
C THR A 203 -57.33 -9.20 5.16
N HIS A 204 -57.32 -9.26 3.83
CA HIS A 204 -56.29 -8.63 3.04
C HIS A 204 -56.89 -8.19 1.70
N GLN A 205 -56.32 -7.14 1.13
CA GLN A 205 -56.87 -6.53 -0.08
C GLN A 205 -57.00 -7.51 -1.24
N GLY A 206 -55.99 -8.35 -1.39
CA GLY A 206 -55.96 -9.45 -2.35
C GLY A 206 -56.94 -10.58 -2.21
N LEU A 207 -57.69 -10.60 -1.11
CA LEU A 207 -58.74 -11.59 -0.87
C LEU A 207 -60.13 -11.01 -1.09
N SER A 208 -60.88 -11.66 -1.97
CA SER A 208 -62.26 -11.28 -2.31
C SER A 208 -63.12 -11.17 -1.05
N SER A 209 -62.99 -12.15 -0.16
CA SER A 209 -63.58 -12.09 1.18
C SER A 209 -62.65 -12.78 2.19
N PRO A 210 -62.80 -12.48 3.50
CA PRO A 210 -61.87 -13.02 4.52
C PRO A 210 -61.67 -14.55 4.50
N VAL A 211 -60.41 -14.98 4.62
CA VAL A 211 -60.06 -16.38 4.67
C VAL A 211 -59.93 -16.81 6.12
N THR A 212 -60.49 -17.98 6.40
CA THR A 212 -60.49 -18.54 7.73
C THR A 212 -59.82 -19.92 7.68
N LYS A 213 -58.87 -20.16 8.59
CA LYS A 213 -58.33 -21.51 8.79
C LYS A 213 -58.53 -21.87 10.26
N SER A 214 -59.04 -23.07 10.51
CA SER A 214 -59.33 -23.51 11.87
C SER A 214 -59.10 -24.99 12.04
N PHE A 215 -58.97 -25.42 13.30
CA PHE A 215 -58.85 -26.84 13.64
C PHE A 215 -59.61 -27.14 14.92
N ASN A 216 -59.87 -28.41 15.14
CA ASN A 216 -60.45 -28.90 16.40
C ASN A 216 -59.37 -29.51 17.27
N ARG A 217 -59.36 -29.15 18.55
CA ARG A 217 -58.45 -29.77 19.51
C ARG A 217 -58.86 -31.22 19.76
N GLN B 1 -13.72 -17.00 0.19
CA GLN B 1 -12.32 -16.49 0.31
C GLN B 1 -12.20 -15.28 1.27
N VAL B 2 -12.35 -14.07 0.72
CA VAL B 2 -12.20 -12.81 1.47
C VAL B 2 -13.32 -12.75 2.49
N GLN B 3 -13.00 -12.55 3.77
CA GLN B 3 -14.02 -12.68 4.81
C GLN B 3 -13.61 -12.22 6.22
N LEU B 4 -14.59 -11.75 6.98
CA LEU B 4 -14.38 -11.36 8.38
C LEU B 4 -15.42 -12.04 9.22
N VAL B 5 -14.97 -12.85 10.19
CA VAL B 5 -15.89 -13.60 11.06
C VAL B 5 -15.75 -13.13 12.50
N GLN B 6 -16.87 -12.68 13.04
CA GLN B 6 -16.93 -12.12 14.38
C GLN B 6 -17.39 -13.11 15.43
N SER B 7 -16.93 -12.90 16.66
CA SER B 7 -17.36 -13.69 17.81
C SER B 7 -17.41 -12.80 19.04
N GLY B 8 -17.97 -13.35 20.11
CA GLY B 8 -18.16 -12.61 21.36
C GLY B 8 -19.54 -12.02 21.43
N GLY B 9 -19.69 -11.06 22.34
CA GLY B 9 -20.95 -10.36 22.53
C GLY B 9 -21.86 -11.09 23.48
N GLY B 10 -23.12 -10.69 23.47
CA GLY B 10 -24.16 -11.21 24.35
C GLY B 10 -24.52 -10.16 25.38
N VAL B 11 -24.98 -10.65 26.53
CA VAL B 11 -25.41 -9.78 27.61
C VAL B 11 -24.20 -9.28 28.42
N VAL B 12 -24.31 -8.06 28.94
CA VAL B 12 -23.27 -7.48 29.79
C VAL B 12 -23.94 -6.51 30.74
N LYS B 13 -23.47 -6.48 32.00
CA LYS B 13 -24.03 -5.62 33.04
C LYS B 13 -23.47 -4.21 32.95
N PRO B 14 -24.28 -3.19 33.29
CA PRO B 14 -23.72 -1.85 33.33
C PRO B 14 -22.48 -1.74 34.20
N GLY B 15 -21.47 -1.03 33.69
CA GLY B 15 -20.19 -0.83 34.37
C GLY B 15 -19.17 -1.91 34.11
N ALA B 16 -19.58 -3.03 33.50
CA ALA B 16 -18.71 -4.17 33.27
C ALA B 16 -18.02 -4.07 31.91
N SER B 17 -17.32 -5.13 31.52
CA SER B 17 -16.50 -5.15 30.31
C SER B 17 -16.83 -6.34 29.42
N SER B 18 -16.69 -6.11 28.12
CA SER B 18 -16.98 -7.09 27.09
C SER B 18 -15.91 -7.00 26.01
N ARG B 19 -15.57 -8.15 25.44
CA ARG B 19 -14.51 -8.24 24.43
C ARG B 19 -15.08 -8.80 23.15
N LEU B 20 -14.87 -8.08 22.05
CA LEU B 20 -15.32 -8.50 20.72
C LEU B 20 -14.14 -8.89 19.86
N SER B 21 -14.36 -9.86 18.98
CA SER B 21 -13.31 -10.43 18.15
C SER B 21 -13.70 -10.52 16.70
N CYS B 22 -12.69 -10.55 15.83
CA CYS B 22 -12.86 -10.57 14.38
C CYS B 22 -11.70 -11.37 13.80
N ALA B 23 -11.99 -12.47 13.10
CA ALA B 23 -10.95 -13.25 12.43
C ALA B 23 -11.02 -12.94 10.93
N ALA B 24 -9.87 -12.63 10.33
CA ALA B 24 -9.78 -12.29 8.91
C ALA B 24 -9.12 -13.40 8.09
N SER B 25 -9.70 -13.68 6.91
CA SER B 25 -9.05 -14.58 5.95
C SER B 25 -9.34 -14.17 4.52
N GLY B 26 -8.53 -14.70 3.60
CA GLY B 26 -8.69 -14.44 2.17
C GLY B 26 -7.97 -13.23 1.64
N PHE B 27 -7.25 -12.48 2.48
CA PHE B 27 -6.53 -11.30 2.02
C PHE B 27 -5.33 -11.00 2.88
N THR B 28 -4.41 -10.20 2.36
CA THR B 28 -3.24 -9.78 3.11
C THR B 28 -3.67 -8.84 4.24
N PHE B 29 -3.85 -9.41 5.43
CA PHE B 29 -4.28 -8.68 6.60
C PHE B 29 -3.35 -7.53 6.97
N THR B 30 -2.05 -7.69 6.74
CA THR B 30 -1.08 -6.66 7.08
C THR B 30 -0.94 -5.58 6.00
N ASP B 31 -1.91 -5.50 5.10
CA ASP B 31 -2.01 -4.38 4.15
C ASP B 31 -3.10 -3.38 4.50
N TYR B 32 -3.96 -3.70 5.46
CA TYR B 32 -5.14 -2.92 5.72
C TYR B 32 -5.19 -2.34 7.14
N TYR B 33 -5.68 -1.11 7.22
CA TYR B 33 -6.25 -0.56 8.45
C TYR B 33 -7.48 -1.38 8.74
N MET B 34 -7.88 -1.41 9.99
CA MET B 34 -9.06 -2.12 10.40
C MET B 34 -9.90 -1.23 11.27
N SER B 35 -11.21 -1.26 11.11
CA SER B 35 -12.11 -0.44 11.91
C SER B 35 -13.18 -1.21 12.63
N TRP B 36 -13.76 -0.58 13.63
CA TRP B 36 -14.96 -1.09 14.29
C TRP B 36 -16.09 -0.06 14.14
N ILE B 37 -17.29 -0.51 13.84
CA ILE B 37 -18.45 0.36 13.63
C ILE B 37 -19.67 -0.24 14.33
N ARG B 38 -20.47 0.58 14.98
CA ARG B 38 -21.65 0.04 15.62
C ARG B 38 -22.92 0.62 15.02
N GLN B 39 -24.00 -0.11 15.22
CA GLN B 39 -25.31 0.32 14.77
C GLN B 39 -26.31 0.28 15.92
N ALA B 40 -26.57 1.43 16.52
CA ALA B 40 -27.58 1.54 17.59
C ALA B 40 -28.90 1.98 16.94
N PRO B 41 -30.02 1.93 17.68
CA PRO B 41 -31.26 2.52 17.16
C PRO B 41 -31.35 3.98 17.60
N GLY B 42 -32.27 4.72 17.01
CA GLY B 42 -32.38 6.14 17.34
C GLY B 42 -31.15 6.94 16.94
N LYS B 43 -30.05 6.24 16.61
CA LYS B 43 -28.94 6.80 15.85
C LYS B 43 -28.17 5.64 15.15
N GLY B 44 -28.25 5.60 13.81
CA GLY B 44 -27.83 4.45 12.99
C GLY B 44 -26.34 4.13 13.06
N LEU B 45 -25.62 4.33 11.96
CA LEU B 45 -24.23 3.87 11.87
C LEU B 45 -23.28 4.81 12.56
N GLU B 46 -22.33 4.23 13.28
CA GLU B 46 -21.37 5.02 14.06
C GLU B 46 -20.00 4.35 14.07
N TRP B 47 -19.02 5.03 13.46
CA TRP B 47 -17.64 4.60 13.51
C TRP B 47 -17.14 4.81 14.93
N VAL B 48 -16.50 3.78 15.48
CA VAL B 48 -15.97 3.85 16.84
C VAL B 48 -14.44 3.96 16.87
N ALA B 49 -13.75 3.19 16.05
CA ALA B 49 -12.27 3.15 16.09
C ALA B 49 -11.64 2.49 14.90
N TYR B 50 -10.39 2.86 14.66
CA TYR B 50 -9.55 2.14 13.71
C TYR B 50 -8.15 1.88 14.27
N ILE B 51 -7.46 0.93 13.66
CA ILE B 51 -6.11 0.60 13.99
C ILE B 51 -5.29 0.53 12.71
N THR B 52 -4.03 0.96 12.77
CA THR B 52 -3.20 1.06 11.58
C THR B 52 -2.67 -0.32 11.21
N LYS B 53 -2.03 -0.42 10.04
CA LYS B 53 -1.56 -1.71 9.49
C LYS B 53 -0.74 -2.42 10.54
N ASP B 54 0.25 -1.68 11.04
CA ASP B 54 0.84 -1.85 12.36
C ASP B 54 2.20 -1.16 12.56
N GLY B 55 2.15 0.14 12.77
CA GLY B 55 3.12 0.85 13.57
C GLY B 55 2.23 1.35 14.70
N SER B 56 1.70 0.39 15.47
CA SER B 56 0.35 0.55 16.06
C SER B 56 0.03 1.95 16.59
N GLU B 57 -0.59 2.73 15.72
CA GLU B 57 -1.36 3.89 16.11
C GLU B 57 -2.81 3.43 16.07
N LYS B 58 -3.62 4.05 16.92
CA LYS B 58 -5.04 3.74 17.04
C LYS B 58 -5.76 5.08 17.16
N LYS B 59 -6.99 5.17 16.66
CA LYS B 59 -7.79 6.38 16.84
C LYS B 59 -9.20 5.99 17.20
N TYR B 60 -9.86 6.83 18.00
CA TYR B 60 -11.19 6.56 18.56
C TYR B 60 -12.08 7.76 18.39
N ALA B 61 -13.39 7.55 18.41
CA ALA B 61 -14.34 8.65 18.54
C ALA B 61 -14.29 9.21 19.97
N ASP B 62 -14.45 10.52 20.10
CA ASP B 62 -14.27 11.19 21.39
C ASP B 62 -15.49 11.00 22.26
N SER B 63 -16.67 10.96 21.65
CA SER B 63 -17.90 10.67 22.41
C SER B 63 -17.71 9.45 23.33
N LEU B 64 -16.89 8.49 22.91
CA LEU B 64 -16.50 7.36 23.73
C LEU B 64 -15.32 7.80 24.59
N GLN B 65 -15.62 8.19 25.80
CA GLN B 65 -14.66 8.90 26.63
C GLN B 65 -13.41 8.07 27.01
N HIS B 66 -12.69 7.52 26.00
CA HIS B 66 -11.53 6.62 26.23
C HIS B 66 -11.98 5.22 26.71
N ARG B 67 -13.27 4.91 26.58
CA ARG B 67 -13.84 3.70 27.19
C ARG B 67 -13.57 2.45 26.35
N PHE B 68 -13.27 2.62 25.07
CA PHE B 68 -13.03 1.49 24.18
C PHE B 68 -11.56 1.36 23.82
N ALA B 69 -11.11 0.13 23.61
CA ALA B 69 -9.70 -0.17 23.31
C ALA B 69 -9.61 -1.20 22.20
N VAL B 70 -8.97 -0.81 21.10
CA VAL B 70 -8.87 -1.66 19.92
C VAL B 70 -7.43 -2.17 19.83
N SER B 71 -7.29 -3.46 19.51
CA SER B 71 -5.98 -4.09 19.39
C SER B 71 -6.04 -5.08 18.25
N ARG B 72 -4.89 -5.69 17.96
CA ARG B 72 -4.71 -6.43 16.73
C ARG B 72 -3.67 -7.53 16.91
N ASP B 73 -3.82 -8.62 16.16
CA ASP B 73 -2.88 -9.72 16.19
C ASP B 73 -2.59 -10.24 14.78
N ASN B 74 -1.63 -9.58 14.14
CA ASN B 74 -1.11 -10.01 12.85
C ASN B 74 -0.21 -11.18 13.12
N ALA B 75 -0.71 -12.35 12.79
CA ALA B 75 -0.08 -13.61 13.19
C ALA B 75 -1.19 -14.60 13.16
N ASN B 76 -2.24 -14.25 13.90
CA ASN B 76 -3.46 -15.04 13.90
C ASN B 76 -4.58 -14.35 13.14
N ASN B 77 -4.32 -13.16 12.60
CA ASN B 77 -5.29 -12.46 11.76
C ASN B 77 -6.54 -12.08 12.56
N LEU B 78 -6.33 -11.39 13.68
CA LEU B 78 -7.40 -11.05 14.59
C LEU B 78 -7.42 -9.57 14.95
N VAL B 79 -8.63 -9.04 15.15
CA VAL B 79 -8.83 -7.69 15.64
C VAL B 79 -9.73 -7.82 16.81
N PHE B 80 -9.51 -6.98 17.81
CA PHE B 80 -10.33 -7.02 18.99
C PHE B 80 -10.85 -5.64 19.32
N LEU B 81 -12.04 -5.63 19.90
CA LEU B 81 -12.58 -4.44 20.49
C LEU B 81 -12.97 -4.75 21.91
N GLN B 82 -12.37 -4.05 22.87
CA GLN B 82 -12.74 -4.13 24.26
C GLN B 82 -13.66 -2.97 24.62
N LEU B 83 -14.80 -3.28 25.23
CA LEU B 83 -15.71 -2.23 25.72
C LEU B 83 -15.63 -2.20 27.26
N ASN B 84 -15.31 -1.02 27.82
CA ASN B 84 -15.22 -0.86 29.28
C ASN B 84 -16.28 0.07 29.84
N THR B 85 -16.62 -0.15 31.12
CA THR B 85 -17.67 0.58 31.83
C THR B 85 -18.87 0.91 30.91
N VAL B 86 -19.41 -0.15 30.33
CA VAL B 86 -20.49 -0.04 29.37
C VAL B 86 -21.67 0.68 29.99
N GLU B 87 -22.41 1.41 29.17
CA GLU B 87 -23.61 2.11 29.61
C GLU B 87 -24.76 1.75 28.70
N ASP B 88 -25.93 2.27 29.04
CA ASP B 88 -27.15 1.97 28.27
C ASP B 88 -27.12 2.45 26.80
N ASP B 89 -26.12 3.25 26.47
CA ASP B 89 -25.87 3.71 25.10
C ASP B 89 -25.19 2.67 24.24
N ASP B 90 -24.59 1.66 24.85
CA ASP B 90 -23.74 0.71 24.11
C ASP B 90 -24.46 -0.51 23.55
N THR B 91 -25.74 -0.65 23.84
CA THR B 91 -26.52 -1.72 23.29
C THR B 91 -26.66 -1.54 21.77
N GLY B 92 -26.30 -2.56 21.00
CA GLY B 92 -26.47 -2.53 19.55
C GLY B 92 -25.69 -3.60 18.82
N VAL B 93 -25.60 -3.45 17.50
CA VAL B 93 -24.88 -4.37 16.65
C VAL B 93 -23.51 -3.78 16.31
N TYR B 94 -22.45 -4.55 16.59
CA TYR B 94 -21.09 -4.10 16.39
C TYR B 94 -20.50 -4.85 15.22
N TYR B 95 -19.96 -4.12 14.25
CA TYR B 95 -19.29 -4.71 13.11
C TYR B 95 -17.81 -4.37 13.15
N CYS B 96 -16.93 -5.32 12.82
CA CYS B 96 -15.58 -4.98 12.38
C CYS B 96 -15.65 -4.78 10.86
N ALA B 97 -14.73 -4.01 10.31
CA ALA B 97 -14.76 -3.74 8.87
C ALA B 97 -13.39 -3.46 8.33
N ARG B 98 -13.08 -4.01 7.16
CA ARG B 98 -11.80 -3.74 6.48
C ARG B 98 -11.79 -2.30 5.99
N ASP B 99 -10.72 -1.59 6.32
CA ASP B 99 -10.67 -0.15 6.11
C ASP B 99 -9.72 0.14 4.95
N ASP B 100 -10.27 0.69 3.87
CA ASP B 100 -9.48 1.03 2.68
C ASP B 100 -9.38 2.54 2.49
N GLY B 101 -8.16 3.03 2.31
CA GLY B 101 -7.95 4.46 2.16
C GLY B 101 -6.51 4.85 1.89
N TYR B 102 -6.29 6.17 1.88
CA TYR B 102 -4.96 6.75 1.80
C TYR B 102 -4.67 7.66 2.99
N TYR B 103 -3.39 7.76 3.37
CA TYR B 103 -2.95 8.67 4.42
C TYR B 103 -1.88 9.59 3.88
N ASP B 104 -1.90 10.82 4.35
CA ASP B 104 -0.88 11.82 4.04
C ASP B 104 -0.45 12.48 5.36
N ARG B 105 0.17 13.66 5.31
CA ARG B 105 0.60 14.33 6.55
C ARG B 105 -0.56 14.85 7.40
N SER B 106 -1.69 15.10 6.75
CA SER B 106 -2.84 15.68 7.40
C SER B 106 -3.72 14.64 8.11
N GLY B 107 -3.62 13.38 7.71
CA GLY B 107 -4.39 12.29 8.35
C GLY B 107 -4.69 11.14 7.40
N TYR B 108 -5.66 10.33 7.75
CA TYR B 108 -6.09 9.18 6.94
C TYR B 108 -7.51 9.42 6.45
N TYR B 109 -7.78 9.01 5.20
CA TYR B 109 -9.07 9.20 4.57
C TYR B 109 -9.52 7.88 3.95
N GLY B 110 -10.56 7.27 4.53
CA GLY B 110 -10.88 5.89 4.18
C GLY B 110 -12.33 5.54 3.99
N VAL B 111 -12.56 4.26 3.74
CA VAL B 111 -13.86 3.75 3.34
C VAL B 111 -13.89 2.29 3.72
N PHE B 112 -15.07 1.76 4.02
CA PHE B 112 -15.20 0.41 4.56
C PHE B 112 -15.69 -0.55 3.48
N ASP B 113 -14.79 -1.36 2.92
CA ASP B 113 -15.13 -2.20 1.74
C ASP B 113 -15.51 -3.64 2.03
N LEU B 114 -15.21 -4.12 3.24
CA LEU B 114 -15.55 -5.47 3.64
C LEU B 114 -15.93 -5.47 5.12
N TRP B 115 -17.10 -6.03 5.43
CA TRP B 115 -17.63 -5.97 6.79
C TRP B 115 -17.76 -7.35 7.37
N GLY B 116 -17.63 -7.49 8.68
CA GLY B 116 -17.99 -8.72 9.39
C GLY B 116 -19.49 -8.88 9.44
N GLN B 117 -19.96 -10.02 9.91
CA GLN B 117 -21.41 -10.34 9.93
C GLN B 117 -22.20 -9.55 10.95
N GLY B 118 -21.57 -9.15 12.04
CA GLY B 118 -22.21 -8.36 13.07
C GLY B 118 -22.43 -9.20 14.32
N ILE B 119 -22.23 -8.59 15.48
CA ILE B 119 -22.48 -9.19 16.77
C ILE B 119 -23.37 -8.24 17.56
N ARG B 120 -24.31 -8.78 18.31
CA ARG B 120 -25.18 -7.98 19.18
C ARG B 120 -24.69 -7.98 20.62
N VAL B 121 -24.57 -6.78 21.16
CA VAL B 121 -24.23 -6.56 22.56
C VAL B 121 -25.45 -5.92 23.22
N THR B 122 -25.82 -6.46 24.39
CA THR B 122 -26.98 -5.97 25.12
C THR B 122 -26.58 -5.64 26.54
N VAL B 123 -26.63 -4.36 26.88
CA VAL B 123 -26.35 -3.92 28.24
C VAL B 123 -27.61 -4.12 29.08
N SER B 124 -27.53 -5.06 30.03
CA SER B 124 -28.69 -5.45 30.83
C SER B 124 -28.32 -6.15 32.14
N SER B 125 -29.11 -5.87 33.16
CA SER B 125 -29.00 -6.56 34.44
C SER B 125 -29.76 -7.91 34.41
N ALA B 126 -30.64 -8.08 33.44
CA ALA B 126 -31.42 -9.30 33.31
C ALA B 126 -30.52 -10.50 33.02
N SER B 127 -30.98 -11.68 33.43
CA SER B 127 -30.17 -12.88 33.30
C SER B 127 -30.42 -13.60 31.97
N THR B 128 -29.38 -14.24 31.48
CA THR B 128 -29.44 -15.09 30.30
C THR B 128 -30.41 -16.27 30.44
N LYS B 129 -31.10 -16.56 29.35
CA LYS B 129 -32.00 -17.70 29.30
C LYS B 129 -32.01 -18.31 27.91
N GLY B 130 -31.76 -19.62 27.84
CA GLY B 130 -31.71 -20.31 26.58
C GLY B 130 -33.11 -20.70 26.19
N PRO B 131 -33.35 -20.76 24.87
CA PRO B 131 -34.69 -21.01 24.32
C PRO B 131 -35.14 -22.48 24.37
N SER B 132 -36.42 -22.69 24.60
CA SER B 132 -37.06 -23.97 24.24
C SER B 132 -37.56 -23.90 22.80
N VAL B 133 -37.54 -25.04 22.11
CA VAL B 133 -37.94 -25.11 20.71
C VAL B 133 -39.06 -26.14 20.51
N PHE B 134 -40.14 -25.72 19.86
CA PHE B 134 -41.28 -26.58 19.59
C PHE B 134 -41.58 -26.65 18.09
N PRO B 135 -42.01 -27.81 17.59
CA PRO B 135 -42.30 -27.89 16.15
C PRO B 135 -43.67 -27.28 15.77
N LEU B 136 -43.70 -26.71 14.57
CA LEU B 136 -44.90 -26.31 13.92
C LEU B 136 -45.11 -27.35 12.83
N ALA B 137 -45.77 -28.43 13.22
CA ALA B 137 -45.92 -29.61 12.36
C ALA B 137 -46.84 -29.31 11.20
N PRO B 138 -46.48 -29.78 10.00
CA PRO B 138 -47.39 -29.68 8.84
C PRO B 138 -48.54 -30.66 8.96
N SER B 139 -49.75 -30.19 8.68
CA SER B 139 -50.95 -31.04 8.70
C SER B 139 -51.91 -30.63 7.58
N SER B 140 -53.11 -31.20 7.59
CA SER B 140 -54.19 -30.79 6.68
C SER B 140 -54.55 -29.31 6.81
N LYS B 141 -54.24 -28.76 7.99
CA LYS B 141 -54.53 -27.37 8.30
C LYS B 141 -53.43 -26.37 7.89
N SER B 142 -52.30 -26.89 7.38
N SER B 142 -52.31 -26.88 7.36
CA SER B 142 -51.36 -26.09 6.61
CA SER B 142 -51.37 -26.09 6.58
C SER B 142 -51.75 -26.25 5.12
C SER B 142 -51.74 -26.23 5.09
N THR B 143 -51.11 -27.15 4.36
CA THR B 143 -51.63 -27.55 3.04
C THR B 143 -51.76 -26.42 2.03
N SER B 144 -52.88 -25.72 1.91
CA SER B 144 -53.03 -24.92 0.71
C SER B 144 -52.70 -25.93 -0.40
N GLY B 145 -52.63 -25.50 -1.66
CA GLY B 145 -52.51 -26.45 -2.77
C GLY B 145 -51.42 -26.06 -3.75
N GLY B 146 -50.44 -26.92 -4.04
CA GLY B 146 -50.12 -28.16 -3.31
C GLY B 146 -48.90 -27.89 -2.47
N THR B 147 -48.97 -26.89 -1.58
CA THR B 147 -47.81 -26.44 -0.82
C THR B 147 -48.04 -26.58 0.66
N ALA B 148 -47.13 -27.22 1.38
CA ALA B 148 -47.25 -27.38 2.83
C ALA B 148 -46.33 -26.40 3.53
N ALA B 149 -46.69 -26.01 4.73
CA ALA B 149 -45.90 -25.11 5.55
C ALA B 149 -45.56 -25.80 6.85
N LEU B 150 -44.40 -25.48 7.38
CA LEU B 150 -43.96 -26.02 8.66
C LEU B 150 -42.90 -25.10 9.21
N GLY B 151 -42.54 -25.30 10.47
CA GLY B 151 -41.63 -24.41 11.17
C GLY B 151 -41.30 -24.83 12.59
N CYS B 152 -40.56 -23.97 13.29
CA CYS B 152 -40.31 -24.13 14.71
C CYS B 152 -40.63 -22.88 15.43
N LEU B 153 -41.29 -23.01 16.57
CA LEU B 153 -41.48 -21.92 17.50
C LEU B 153 -40.30 -21.93 18.46
N VAL B 154 -39.61 -20.80 18.59
CA VAL B 154 -38.48 -20.65 19.47
C VAL B 154 -38.91 -19.67 20.55
N LYS B 155 -38.99 -20.16 21.79
CA LYS B 155 -39.72 -19.45 22.84
C LYS B 155 -38.94 -19.29 24.13
N ASP B 156 -39.11 -18.13 24.74
CA ASP B 156 -38.57 -17.80 26.08
C ASP B 156 -37.04 -17.79 26.18
N TYR B 157 -36.42 -16.88 25.43
CA TYR B 157 -34.97 -16.70 25.47
C TYR B 157 -34.56 -15.27 25.74
N PHE B 158 -33.33 -15.09 26.21
CA PHE B 158 -32.77 -13.77 26.48
C PHE B 158 -31.25 -13.84 26.58
N PRO B 159 -30.52 -12.89 25.98
CA PRO B 159 -31.06 -11.79 25.19
C PRO B 159 -31.17 -12.18 23.72
N GLU B 160 -31.41 -11.19 22.85
CA GLU B 160 -31.28 -11.40 21.42
C GLU B 160 -29.79 -11.53 21.04
N PRO B 161 -29.46 -12.28 19.98
CA PRO B 161 -30.42 -12.89 19.06
C PRO B 161 -30.41 -14.42 19.08
N VAL B 162 -31.36 -15.02 18.39
CA VAL B 162 -31.21 -16.42 17.96
C VAL B 162 -31.18 -16.43 16.45
N THR B 163 -30.41 -17.36 15.88
CA THR B 163 -30.40 -17.58 14.45
C THR B 163 -30.99 -18.96 14.20
N VAL B 164 -31.78 -19.05 13.14
CA VAL B 164 -32.37 -20.31 12.73
C VAL B 164 -31.95 -20.63 11.34
N SER B 165 -31.46 -21.85 11.15
CA SER B 165 -31.21 -22.38 9.82
C SER B 165 -31.94 -23.70 9.71
N TRP B 166 -32.09 -24.21 8.50
CA TRP B 166 -32.76 -25.47 8.26
C TRP B 166 -31.84 -26.41 7.51
N ASN B 167 -31.83 -27.67 7.95
CA ASN B 167 -31.02 -28.71 7.38
C ASN B 167 -29.58 -28.27 7.21
N SER B 168 -29.10 -27.61 8.26
CA SER B 168 -27.69 -27.21 8.42
C SER B 168 -27.24 -26.15 7.44
N GLY B 169 -28.20 -25.39 6.88
CA GLY B 169 -27.91 -24.35 5.90
C GLY B 169 -28.32 -24.73 4.49
N ALA B 170 -28.61 -26.00 4.27
CA ALA B 170 -28.94 -26.48 2.93
C ALA B 170 -30.41 -26.23 2.54
N LEU B 171 -31.22 -25.72 3.46
CA LEU B 171 -32.58 -25.32 3.15
C LEU B 171 -32.76 -23.84 3.44
N THR B 172 -32.81 -23.03 2.39
CA THR B 172 -32.97 -21.54 2.50
C THR B 172 -34.16 -20.96 1.73
N SER B 173 -34.46 -21.53 0.57
CA SER B 173 -35.62 -21.12 -0.22
C SER B 173 -36.95 -21.37 0.51
N GLY B 174 -37.83 -20.37 0.53
CA GLY B 174 -39.13 -20.51 1.19
C GLY B 174 -39.10 -20.30 2.69
N VAL B 175 -37.92 -19.97 3.24
CA VAL B 175 -37.72 -19.83 4.68
C VAL B 175 -37.99 -18.39 5.11
N HIS B 176 -38.85 -18.23 6.10
CA HIS B 176 -39.04 -16.94 6.74
C HIS B 176 -38.79 -17.09 8.22
N THR B 177 -37.70 -16.49 8.68
CA THR B 177 -37.42 -16.39 10.11
C THR B 177 -37.88 -15.02 10.57
N PHE B 178 -38.93 -15.00 11.35
CA PHE B 178 -39.53 -13.78 11.82
C PHE B 178 -38.67 -12.99 12.82
N PRO B 179 -38.76 -11.64 12.76
CA PRO B 179 -38.22 -10.80 13.82
C PRO B 179 -38.86 -11.15 15.13
N ALA B 180 -38.05 -11.21 16.19
CA ALA B 180 -38.53 -11.60 17.52
C ALA B 180 -39.61 -10.67 18.06
N VAL B 181 -40.43 -11.22 18.98
CA VAL B 181 -41.33 -10.40 19.78
C VAL B 181 -40.86 -10.36 21.22
N LEU B 182 -41.13 -9.23 21.89
CA LEU B 182 -40.94 -9.08 23.30
C LEU B 182 -42.23 -9.51 23.98
N GLN B 183 -42.12 -10.47 24.88
CA GLN B 183 -43.25 -10.97 25.67
C GLN B 183 -43.32 -10.19 26.96
N SER B 184 -44.48 -10.21 27.60
CA SER B 184 -44.68 -9.44 28.83
C SER B 184 -43.80 -9.98 29.97
N SER B 185 -43.33 -11.22 29.86
CA SER B 185 -42.32 -11.76 30.77
C SER B 185 -40.96 -11.07 30.67
N GLY B 186 -40.68 -10.38 29.58
CA GLY B 186 -39.37 -9.78 29.35
C GLY B 186 -38.48 -10.68 28.52
N LEU B 187 -38.97 -11.86 28.13
CA LEU B 187 -38.21 -12.80 27.33
C LEU B 187 -38.66 -12.76 25.87
N TYR B 188 -37.83 -13.27 24.98
CA TYR B 188 -38.09 -13.17 23.55
C TYR B 188 -38.65 -14.46 22.96
N SER B 189 -39.21 -14.33 21.77
CA SER B 189 -39.81 -15.44 21.08
C SER B 189 -39.92 -15.13 19.61
N LEU B 190 -39.67 -16.13 18.78
CA LEU B 190 -39.90 -16.02 17.32
C LEU B 190 -40.29 -17.33 16.70
N SER B 191 -40.77 -17.29 15.46
CA SER B 191 -40.99 -18.49 14.68
C SER B 191 -40.19 -18.45 13.38
N SER B 192 -39.66 -19.61 12.96
CA SER B 192 -39.07 -19.75 11.64
C SER B 192 -39.96 -20.70 10.89
N VAL B 193 -40.38 -20.33 9.69
CA VAL B 193 -41.29 -21.16 8.92
C VAL B 193 -40.73 -21.41 7.51
N VAL B 194 -41.26 -22.42 6.85
CA VAL B 194 -40.81 -22.76 5.52
C VAL B 194 -41.91 -23.47 4.76
N THR B 195 -42.08 -23.13 3.48
CA THR B 195 -43.01 -23.81 2.63
C THR B 195 -42.26 -24.82 1.77
N VAL B 196 -42.88 -25.99 1.61
CA VAL B 196 -42.29 -27.10 0.91
C VAL B 196 -43.39 -27.80 0.09
N PRO B 197 -42.99 -28.74 -0.80
CA PRO B 197 -44.01 -29.54 -1.44
C PRO B 197 -44.70 -30.42 -0.42
N SER B 198 -46.02 -30.39 -0.43
CA SER B 198 -46.80 -31.30 0.39
C SER B 198 -46.67 -32.73 -0.12
N SER B 199 -46.37 -32.90 -1.40
CA SER B 199 -46.25 -34.25 -1.99
C SER B 199 -45.16 -35.14 -1.38
N SER B 200 -44.14 -34.51 -0.81
CA SER B 200 -42.97 -35.19 -0.31
C SER B 200 -42.72 -34.93 1.18
N LEU B 201 -43.76 -34.69 1.95
CA LEU B 201 -43.62 -34.65 3.41
C LEU B 201 -43.30 -36.03 3.98
N GLY B 202 -43.57 -37.09 3.24
CA GLY B 202 -43.16 -38.42 3.65
C GLY B 202 -41.66 -38.69 3.59
N THR B 203 -41.04 -38.31 2.48
CA THR B 203 -39.67 -38.69 2.21
C THR B 203 -38.64 -37.72 2.72
N GLN B 204 -38.98 -36.46 2.90
CA GLN B 204 -37.97 -35.44 3.16
C GLN B 204 -37.90 -35.12 4.64
N THR B 205 -36.72 -34.70 5.05
CA THR B 205 -36.42 -34.47 6.44
C THR B 205 -36.22 -32.98 6.65
N TYR B 206 -36.84 -32.45 7.70
CA TYR B 206 -36.78 -31.04 8.00
C TYR B 206 -36.33 -30.83 9.45
N ILE B 207 -35.13 -30.26 9.61
CA ILE B 207 -34.57 -29.99 10.93
C ILE B 207 -34.21 -28.49 11.10
N CYS B 208 -34.81 -27.86 12.13
CA CYS B 208 -34.39 -26.60 12.75
C CYS B 208 -33.03 -26.63 13.32
N ASN B 209 -32.23 -25.61 13.04
CA ASN B 209 -30.97 -25.42 13.74
C ASN B 209 -31.02 -24.09 14.46
N VAL B 210 -31.52 -24.12 15.69
CA VAL B 210 -31.59 -22.92 16.52
C VAL B 210 -30.25 -22.71 17.17
N ASN B 211 -29.79 -21.48 17.14
CA ASN B 211 -28.51 -21.12 17.75
C ASN B 211 -28.68 -19.88 18.59
N HIS B 212 -28.57 -20.02 19.92
CA HIS B 212 -28.63 -18.89 20.85
C HIS B 212 -27.24 -18.70 21.42
N LYS B 213 -26.44 -17.92 20.72
CA LYS B 213 -25.01 -17.77 21.07
C LYS B 213 -24.73 -17.14 22.43
N PRO B 214 -25.55 -16.16 22.86
CA PRO B 214 -25.33 -15.61 24.20
C PRO B 214 -25.40 -16.63 25.35
N SER B 215 -26.04 -17.78 25.14
CA SER B 215 -26.03 -18.88 26.11
C SER B 215 -25.30 -20.13 25.60
N ASN B 216 -24.62 -20.03 24.46
CA ASN B 216 -23.96 -21.17 23.81
C ASN B 216 -24.89 -22.38 23.69
N THR B 217 -26.15 -22.11 23.37
CA THR B 217 -27.16 -23.15 23.30
C THR B 217 -27.44 -23.48 21.83
N LYS B 218 -27.36 -24.77 21.50
CA LYS B 218 -27.78 -25.28 20.19
C LYS B 218 -28.88 -26.31 20.31
N VAL B 219 -29.96 -26.13 19.57
CA VAL B 219 -31.06 -27.06 19.53
C VAL B 219 -31.37 -27.44 18.09
N ASP B 220 -31.28 -28.72 17.77
CA ASP B 220 -31.76 -29.25 16.51
C ASP B 220 -33.08 -29.95 16.76
N LYS B 221 -34.13 -29.55 16.05
CA LYS B 221 -35.44 -30.21 16.17
C LYS B 221 -35.95 -30.71 14.85
N ARG B 222 -36.29 -31.99 14.83
CA ARG B 222 -36.92 -32.62 13.67
C ARG B 222 -38.42 -32.32 13.68
N VAL B 223 -38.91 -31.79 12.57
CA VAL B 223 -40.30 -31.40 12.43
C VAL B 223 -41.00 -32.45 11.59
N GLU B 224 -41.74 -33.33 12.23
CA GLU B 224 -42.41 -34.41 11.53
C GLU B 224 -43.84 -34.03 11.26
N PRO B 225 -44.40 -34.51 10.16
CA PRO B 225 -45.84 -34.34 10.00
C PRO B 225 -46.51 -35.01 11.15
N LYS B 226 -47.75 -34.63 11.43
CA LYS B 226 -48.44 -35.32 12.50
C LYS B 226 -49.72 -36.04 12.01
N SER B 227 -50.15 -37.08 12.74
CA SER B 227 -49.42 -37.66 13.88
C SER B 227 -49.93 -39.08 14.14
N PHE C 2 13.41 -10.20 -25.26
CA PHE C 2 12.94 -8.83 -24.88
C PHE C 2 14.09 -7.89 -24.48
N LEU C 3 14.47 -6.99 -25.39
CA LEU C 3 15.54 -6.02 -25.08
C LEU C 3 15.24 -4.56 -25.42
N LEU C 4 15.94 -3.65 -24.74
CA LEU C 4 15.83 -2.22 -24.99
C LEU C 4 17.14 -1.72 -25.58
N THR C 5 17.03 -0.83 -26.56
CA THR C 5 18.19 -0.24 -27.20
C THR C 5 18.08 1.27 -27.14
N GLN C 6 19.08 1.90 -26.53
CA GLN C 6 19.17 3.35 -26.52
C GLN C 6 20.06 3.84 -27.64
N SER C 7 19.68 4.95 -28.24
CA SER C 7 20.55 5.65 -29.18
C SER C 7 20.39 7.18 -29.02
N PRO C 8 21.48 7.94 -29.14
CA PRO C 8 22.82 7.42 -29.42
C PRO C 8 23.46 6.91 -28.12
N ASP C 9 24.71 6.47 -28.19
CA ASP C 9 25.45 6.12 -26.99
C ASP C 9 25.89 7.37 -26.29
N SER C 10 26.35 8.35 -27.06
CA SER C 10 26.89 9.57 -26.51
C SER C 10 26.38 10.78 -27.30
N LEU C 11 26.43 11.94 -26.64
CA LEU C 11 25.83 13.16 -27.18
C LEU C 11 26.43 14.41 -26.52
N ALA C 12 26.79 15.41 -27.32
CA ALA C 12 27.45 16.63 -26.83
C ALA C 12 26.70 17.87 -27.35
N VAL C 13 26.04 18.56 -26.44
CA VAL C 13 25.08 19.59 -26.80
C VAL C 13 25.42 20.83 -26.01
N THR C 14 25.37 21.98 -26.68
CA THR C 14 25.70 23.25 -26.08
C THR C 14 24.67 23.68 -25.03
N LEU C 15 25.14 24.42 -24.02
CA LEU C 15 24.26 24.93 -22.96
C LEU C 15 23.09 25.69 -23.54
N GLY C 16 21.91 25.46 -22.97
CA GLY C 16 20.68 26.11 -23.40
C GLY C 16 19.97 25.44 -24.55
N GLU C 17 20.67 24.54 -25.26
CA GLU C 17 20.11 23.82 -26.39
C GLU C 17 19.43 22.54 -25.91
N THR C 18 18.87 21.78 -26.83
CA THR C 18 18.04 20.62 -26.52
C THR C 18 18.78 19.32 -26.85
N ALA C 19 18.72 18.35 -25.94
CA ALA C 19 19.29 17.02 -26.13
C ALA C 19 18.16 15.98 -26.15
N THR C 20 18.24 15.03 -27.09
CA THR C 20 17.20 14.02 -27.26
C THR C 20 17.82 12.64 -27.25
N ILE C 21 17.22 11.74 -26.47
CA ILE C 21 17.69 10.38 -26.30
C ILE C 21 16.57 9.43 -26.68
N THR C 22 16.85 8.47 -27.54
CA THR C 22 15.84 7.49 -27.94
C THR C 22 15.98 6.19 -27.16
N CYS C 23 14.85 5.51 -26.95
CA CYS C 23 14.81 4.18 -26.37
C CYS C 23 13.81 3.36 -27.17
N ARG C 24 14.27 2.28 -27.78
CA ARG C 24 13.37 1.39 -28.52
C ARG C 24 13.25 -0.01 -27.91
N SER C 25 12.03 -0.57 -27.94
CA SER C 25 11.75 -1.91 -27.42
C SER C 25 11.50 -2.91 -28.55
N SER C 26 11.87 -4.16 -28.34
CA SER C 26 11.60 -5.20 -29.34
C SER C 26 10.10 -5.53 -29.47
N ARG C 27 9.37 -5.36 -28.38
CA ARG C 27 7.91 -5.54 -28.36
C ARG C 27 7.24 -4.24 -28.00
N ASN C 28 5.92 -4.23 -28.15
CA ASN C 28 5.11 -3.17 -27.61
C ASN C 28 4.92 -3.37 -26.10
N ILE C 29 4.89 -2.27 -25.36
CA ILE C 29 4.85 -2.28 -23.89
C ILE C 29 3.63 -1.52 -23.35
N LEU C 30 2.49 -1.69 -24.02
CA LEU C 30 1.26 -1.00 -23.65
C LEU C 30 0.24 -2.01 -23.13
N HIS C 31 -0.08 -1.96 -21.84
CA HIS C 31 -1.16 -2.81 -21.26
C HIS C 31 -2.55 -2.17 -21.36
N SER C 32 -3.59 -3.00 -21.40
CA SER C 32 -4.97 -2.55 -21.56
C SER C 32 -5.52 -1.94 -20.29
N LEU C 33 -5.08 -2.46 -19.13
CA LEU C 33 -5.57 -2.01 -17.80
C LEU C 33 -5.68 -0.50 -17.66
N ASN C 34 -4.73 0.22 -18.23
CA ASN C 34 -4.75 1.66 -18.18
C ASN C 34 -4.43 2.41 -19.49
N ASN C 35 -4.02 1.68 -20.53
CA ASN C 35 -3.72 2.29 -21.81
C ASN C 35 -2.45 3.15 -21.73
N LYS C 36 -1.46 2.67 -20.97
CA LYS C 36 -0.18 3.39 -20.77
C LYS C 36 0.98 2.47 -21.07
N ASN C 37 2.11 3.08 -21.46
CA ASN C 37 3.32 2.33 -21.74
C ASN C 37 4.15 2.23 -20.47
N TYR C 38 4.51 1.00 -20.08
CA TYR C 38 5.17 0.75 -18.80
C TYR C 38 6.67 0.95 -18.97
N LEU C 39 7.07 2.20 -19.19
CA LEU C 39 8.47 2.58 -19.39
C LEU C 39 8.84 3.68 -18.41
N ALA C 40 10.10 3.69 -17.99
CA ALA C 40 10.60 4.73 -17.08
C ALA C 40 11.98 5.22 -17.49
N TRP C 41 12.37 6.38 -16.95
CA TRP C 41 13.68 7.00 -17.24
C TRP C 41 14.43 7.35 -15.96
N TYR C 42 15.73 7.09 -15.96
CA TYR C 42 16.59 7.37 -14.81
C TYR C 42 17.72 8.31 -15.22
N GLN C 43 18.23 9.05 -14.26
CA GLN C 43 19.37 9.93 -14.42
C GLN C 43 20.44 9.50 -13.43
N GLN C 44 21.67 9.34 -13.91
CA GLN C 44 22.78 8.96 -13.03
C GLN C 44 23.99 9.81 -13.31
N ARG C 45 24.23 10.78 -12.43
CA ARG C 45 25.40 11.62 -12.52
C ARG C 45 26.56 10.81 -11.98
N PRO C 46 27.78 11.14 -12.40
CA PRO C 46 28.92 10.27 -12.06
C PRO C 46 29.15 10.11 -10.54
N GLY C 47 29.49 8.89 -10.12
CA GLY C 47 29.62 8.57 -8.69
C GLY C 47 28.37 8.80 -7.85
N GLN C 48 27.20 8.56 -8.45
CA GLN C 48 25.92 8.66 -7.75
C GLN C 48 25.01 7.54 -8.21
N ALA C 49 23.92 7.35 -7.49
CA ALA C 49 22.92 6.34 -7.84
C ALA C 49 21.93 6.93 -8.81
N PRO C 50 21.35 6.08 -9.68
CA PRO C 50 20.28 6.51 -10.58
C PRO C 50 19.12 7.20 -9.84
N LYS C 51 18.60 8.25 -10.44
CA LYS C 51 17.47 9.00 -9.94
C LYS C 51 16.36 8.87 -10.97
N LEU C 52 15.21 8.40 -10.51
CA LEU C 52 13.99 8.31 -11.31
C LEU C 52 13.51 9.69 -11.72
N LEU C 53 13.28 9.88 -13.02
CA LEU C 53 12.74 11.13 -13.59
C LEU C 53 11.31 11.03 -14.12
N VAL C 54 11.04 9.94 -14.85
CA VAL C 54 9.81 9.76 -15.58
C VAL C 54 9.27 8.36 -15.43
N ILE C 55 7.97 8.24 -15.29
CA ILE C 55 7.26 6.95 -15.30
C ILE C 55 6.12 7.00 -16.32
N TRP C 56 5.59 5.83 -16.65
CA TRP C 56 4.56 5.69 -17.69
C TRP C 56 4.95 6.41 -18.99
N ALA C 57 6.21 6.29 -19.38
CA ALA C 57 6.76 6.94 -20.57
C ALA C 57 6.80 8.49 -20.58
N SER C 58 5.73 9.12 -20.08
CA SER C 58 5.51 10.58 -20.18
C SER C 58 5.14 11.32 -18.90
N MET C 59 4.97 10.65 -17.77
CA MET C 59 4.73 11.35 -16.51
C MET C 59 6.03 11.68 -15.79
N ARG C 60 6.30 12.97 -15.69
CA ARG C 60 7.36 13.47 -14.88
C ARG C 60 7.03 13.31 -13.38
N VAL C 61 8.02 12.86 -12.63
CA VAL C 61 7.90 12.61 -11.21
C VAL C 61 8.10 13.91 -10.44
N SER C 62 7.45 14.01 -9.29
CA SER C 62 7.59 15.15 -8.37
C SER C 62 9.04 15.48 -8.06
N GLY C 63 9.41 16.76 -8.19
CA GLY C 63 10.78 17.26 -8.00
C GLY C 63 11.74 17.02 -9.16
N VAL C 64 11.22 17.00 -10.38
CA VAL C 64 12.01 16.89 -11.59
C VAL C 64 11.68 18.12 -12.44
N ALA C 65 12.68 18.76 -13.04
CA ALA C 65 12.47 20.04 -13.72
C ALA C 65 11.57 19.91 -14.96
N ASP C 66 10.84 20.97 -15.30
CA ASP C 66 10.06 21.12 -16.56
C ASP C 66 10.83 20.72 -17.80
N ARG C 67 12.14 20.96 -17.78
CA ARG C 67 12.99 20.69 -18.93
C ARG C 67 13.03 19.22 -19.32
N PHE C 68 12.71 18.34 -18.38
CA PHE C 68 12.69 16.91 -18.64
C PHE C 68 11.28 16.51 -19.09
N SER C 69 11.19 15.98 -20.31
CA SER C 69 9.92 15.53 -20.88
C SER C 69 10.07 14.14 -21.52
N GLY C 70 9.16 13.24 -21.16
CA GLY C 70 9.08 11.89 -21.72
C GLY C 70 8.02 11.82 -22.81
N SER C 71 8.27 11.04 -23.86
CA SER C 71 7.34 10.88 -24.98
C SER C 71 7.58 9.57 -25.75
N GLY C 72 6.59 9.16 -26.53
CA GLY C 72 6.72 7.97 -27.37
C GLY C 72 5.49 7.11 -27.37
N SER C 73 5.42 6.21 -28.34
CA SER C 73 4.30 5.29 -28.49
C SER C 73 4.76 3.97 -29.09
N GLY C 74 3.95 2.94 -28.90
CA GLY C 74 4.18 1.63 -29.48
C GLY C 74 5.48 1.01 -28.99
N THR C 75 6.55 1.28 -29.73
CA THR C 75 7.85 0.71 -29.46
C THR C 75 9.06 1.69 -29.53
N ASP C 76 8.80 2.97 -29.83
CA ASP C 76 9.83 3.99 -29.92
C ASP C 76 9.48 5.08 -28.93
N PHE C 77 10.43 5.38 -28.03
CA PHE C 77 10.24 6.38 -26.98
C PHE C 77 11.44 7.29 -26.91
N ALA C 78 11.28 8.42 -26.24
CA ALA C 78 12.35 9.38 -26.14
C ALA C 78 12.29 10.20 -24.84
N LEU C 79 13.47 10.62 -24.39
CA LEU C 79 13.61 11.59 -23.31
C LEU C 79 14.19 12.82 -23.96
N THR C 80 13.55 13.96 -23.73
CA THR C 80 13.95 15.23 -24.31
C THR C 80 14.26 16.23 -23.20
N ILE C 81 15.46 16.77 -23.26
CA ILE C 81 16.00 17.68 -22.25
C ILE C 81 16.15 19.05 -22.88
N SER C 82 15.29 19.99 -22.51
CA SER C 82 15.28 21.34 -23.08
C SER C 82 16.16 22.23 -22.23
N SER C 83 16.70 23.29 -22.84
CA SER C 83 17.43 24.32 -22.10
C SER C 83 18.52 23.70 -21.22
N LEU C 84 19.44 23.00 -21.86
CA LEU C 84 20.40 22.14 -21.18
C LEU C 84 21.25 22.89 -20.15
N GLN C 85 21.32 22.33 -18.93
CA GLN C 85 22.03 22.94 -17.79
C GLN C 85 23.28 22.14 -17.44
N PRO C 86 24.24 22.76 -16.74
CA PRO C 86 25.46 22.06 -16.33
C PRO C 86 25.22 20.76 -15.54
N GLU C 87 24.25 20.79 -14.63
CA GLU C 87 23.90 19.61 -13.83
C GLU C 87 23.19 18.49 -14.58
N ASP C 88 22.87 18.70 -15.86
CA ASP C 88 22.32 17.64 -16.72
C ASP C 88 23.36 16.65 -17.25
N ALA C 89 24.65 16.92 -17.03
CA ALA C 89 25.70 16.07 -17.55
C ALA C 89 25.71 14.78 -16.78
N ALA C 90 25.33 13.71 -17.46
CA ALA C 90 25.05 12.44 -16.80
C ALA C 90 24.78 11.34 -17.82
N VAL C 91 24.54 10.13 -17.30
CA VAL C 91 24.11 9.01 -18.12
C VAL C 91 22.65 8.72 -17.83
N TYR C 92 21.84 8.66 -18.88
CA TYR C 92 20.40 8.48 -18.73
C TYR C 92 20.03 7.10 -19.21
N TYR C 93 19.21 6.42 -18.41
CA TYR C 93 18.76 5.05 -18.70
C TYR C 93 17.25 5.00 -18.86
N CYS C 94 16.78 4.20 -19.81
CA CYS C 94 15.37 3.79 -19.87
C CYS C 94 15.19 2.42 -19.23
N GLN C 95 13.98 2.14 -18.74
CA GLN C 95 13.67 0.89 -18.04
C GLN C 95 12.21 0.54 -18.19
N HIS C 96 11.94 -0.67 -18.66
CA HIS C 96 10.58 -1.17 -18.80
C HIS C 96 10.16 -1.95 -17.56
N TYR C 97 8.85 -1.93 -17.29
CA TYR C 97 8.23 -2.81 -16.30
C TYR C 97 6.92 -3.37 -16.87
N TYR C 98 6.88 -3.54 -18.19
CA TYR C 98 5.81 -4.22 -18.90
C TYR C 98 5.60 -5.66 -18.43
N THR C 99 6.69 -6.35 -18.12
CA THR C 99 6.62 -7.71 -17.63
C THR C 99 7.25 -7.71 -16.24
N THR C 100 7.33 -8.90 -15.68
CA THR C 100 7.89 -9.10 -14.36
C THR C 100 9.41 -9.15 -14.39
N HIS C 101 10.01 -9.20 -15.56
CA HIS C 101 11.47 -9.26 -15.69
C HIS C 101 11.94 -7.95 -16.28
N ARG C 102 12.29 -7.04 -15.36
CA ARG C 102 12.67 -5.68 -15.72
C ARG C 102 14.09 -5.60 -16.26
N THR C 103 14.25 -4.76 -17.30
CA THR C 103 15.52 -4.55 -17.97
C THR C 103 15.70 -3.07 -18.30
N PHE C 104 16.96 -2.70 -18.50
CA PHE C 104 17.34 -1.33 -18.72
C PHE C 104 17.95 -1.23 -20.10
N GLY C 105 18.06 0.01 -20.60
CA GLY C 105 18.87 0.26 -21.78
C GLY C 105 20.35 0.30 -21.37
N GLN C 106 21.24 0.29 -22.36
CA GLN C 106 22.68 0.37 -22.08
C GLN C 106 23.12 1.73 -21.52
N GLY C 107 22.32 2.78 -21.75
CA GLY C 107 22.58 4.12 -21.25
C GLY C 107 22.94 5.07 -22.37
N THR C 108 22.83 6.38 -22.11
CA THR C 108 23.22 7.41 -23.06
C THR C 108 23.90 8.52 -22.31
N ARG C 109 25.17 8.75 -22.59
CA ARG C 109 25.95 9.79 -21.93
C ARG C 109 25.70 11.13 -22.61
N VAL C 110 25.29 12.11 -21.81
CA VAL C 110 25.03 13.47 -22.33
C VAL C 110 26.14 14.41 -21.84
N GLU C 111 26.87 14.98 -22.77
CA GLU C 111 27.98 15.89 -22.47
C GLU C 111 27.59 17.32 -22.83
N ILE C 112 28.16 18.26 -22.09
CA ILE C 112 27.87 19.69 -22.26
C ILE C 112 28.95 20.38 -23.09
N ARG C 113 28.52 21.12 -24.11
CA ARG C 113 29.38 22.05 -24.82
C ARG C 113 29.24 23.43 -24.19
N ARG C 114 30.35 23.99 -23.75
CA ARG C 114 30.39 25.32 -23.20
C ARG C 114 31.49 26.12 -23.87
N THR C 115 31.65 27.38 -23.45
CA THR C 115 32.71 28.22 -23.98
C THR C 115 34.06 27.71 -23.52
N VAL C 116 35.09 28.13 -24.24
CA VAL C 116 36.45 27.70 -23.96
C VAL C 116 36.94 28.31 -22.65
N ALA C 117 37.59 27.48 -21.84
CA ALA C 117 38.12 27.87 -20.56
C ALA C 117 39.54 27.31 -20.45
N ALA C 118 40.51 28.22 -20.31
CA ALA C 118 41.91 27.84 -20.19
C ALA C 118 42.19 27.24 -18.81
N PRO C 119 43.04 26.21 -18.76
CA PRO C 119 43.33 25.56 -17.49
C PRO C 119 44.24 26.37 -16.62
N SER C 120 44.04 26.29 -15.31
CA SER C 120 45.02 26.76 -14.32
C SER C 120 45.95 25.62 -13.99
N VAL C 121 47.23 25.82 -14.27
CA VAL C 121 48.25 24.81 -14.10
C VAL C 121 48.98 24.96 -12.75
N PHE C 122 49.16 23.84 -12.06
CA PHE C 122 49.89 23.76 -10.81
C PHE C 122 50.82 22.57 -10.85
N ILE C 123 51.82 22.60 -9.98
CA ILE C 123 52.78 21.51 -9.89
C ILE C 123 53.17 21.29 -8.42
N PHE C 124 53.31 20.01 -8.04
CA PHE C 124 53.60 19.62 -6.67
C PHE C 124 54.82 18.73 -6.66
N PRO C 125 55.92 19.21 -6.04
CA PRO C 125 57.04 18.28 -5.82
C PRO C 125 56.68 17.14 -4.87
N PRO C 126 57.42 16.02 -4.92
CA PRO C 126 57.23 14.93 -3.97
C PRO C 126 57.52 15.33 -2.53
N SER C 127 56.74 14.81 -1.61
CA SER C 127 56.86 15.07 -0.20
C SER C 127 58.12 14.44 0.37
N ASP C 128 58.63 15.03 1.46
CA ASP C 128 59.73 14.43 2.21
C ASP C 128 59.35 13.03 2.67
N GLU C 129 58.10 12.87 3.08
CA GLU C 129 57.57 11.63 3.60
C GLU C 129 57.67 10.51 2.55
N GLN C 130 57.32 10.83 1.29
CA GLN C 130 57.37 9.87 0.20
CA GLN C 130 57.37 9.87 0.17
C GLN C 130 58.81 9.52 -0.19
N LEU C 131 59.69 10.50 -0.12
CA LEU C 131 61.09 10.29 -0.47
C LEU C 131 61.75 9.28 0.43
N LYS C 132 61.50 9.42 1.72
CA LYS C 132 61.95 8.45 2.71
C LYS C 132 61.46 7.03 2.37
N SER C 133 60.36 6.93 1.64
CA SER C 133 59.84 5.66 1.17
C SER C 133 60.71 5.00 0.11
N GLY C 134 61.33 5.80 -0.75
CA GLY C 134 62.13 5.29 -1.86
C GLY C 134 61.65 5.69 -3.24
N THR C 135 60.43 6.24 -3.31
CA THR C 135 59.80 6.63 -4.57
C THR C 135 59.47 8.14 -4.59
N ALA C 136 59.39 8.72 -5.78
CA ALA C 136 59.15 10.16 -5.93
C ALA C 136 58.10 10.47 -7.00
N SER C 137 56.91 10.88 -6.57
CA SER C 137 55.80 11.21 -7.47
C SER C 137 55.78 12.71 -7.66
N VAL C 138 55.64 13.17 -8.89
CA VAL C 138 55.53 14.60 -9.16
C VAL C 138 54.18 14.79 -9.84
N VAL C 139 53.33 15.61 -9.22
CA VAL C 139 51.97 15.76 -9.69
C VAL C 139 51.78 17.11 -10.40
N CYS C 140 51.30 17.06 -11.64
CA CYS C 140 50.92 18.25 -12.37
C CYS C 140 49.39 18.31 -12.44
N LEU C 141 48.83 19.48 -12.13
CA LEU C 141 47.39 19.67 -12.10
C LEU C 141 46.94 20.66 -13.15
N LEU C 142 46.05 20.20 -14.05
CA LEU C 142 45.36 21.08 -15.00
C LEU C 142 43.92 21.23 -14.53
N ASN C 143 43.59 22.43 -14.07
CA ASN C 143 42.35 22.63 -13.34
C ASN C 143 41.29 23.43 -14.11
N ASN C 144 40.08 22.88 -14.10
CA ASN C 144 38.86 23.57 -14.58
C ASN C 144 38.97 24.21 -15.96
N PHE C 145 39.06 23.35 -16.98
CA PHE C 145 39.22 23.79 -18.35
C PHE C 145 38.18 23.16 -19.26
N TYR C 146 38.03 23.74 -20.44
CA TYR C 146 37.18 23.20 -21.51
C TYR C 146 37.72 23.72 -22.84
N PRO C 147 37.78 22.90 -23.90
CA PRO C 147 37.32 21.51 -23.97
C PRO C 147 38.24 20.50 -23.31
N ARG C 148 37.82 19.24 -23.34
CA ARG C 148 38.51 18.14 -22.66
C ARG C 148 39.90 17.90 -23.20
N GLU C 149 40.10 18.14 -24.48
CA GLU C 149 41.35 17.79 -25.15
C GLU C 149 42.45 18.72 -24.63
N ALA C 150 43.49 18.15 -24.04
CA ALA C 150 44.61 18.91 -23.50
C ALA C 150 45.88 18.05 -23.55
N LYS C 151 47.01 18.69 -23.78
CA LYS C 151 48.29 18.00 -23.94
C LYS C 151 49.24 18.36 -22.78
N VAL C 152 49.97 17.36 -22.28
CA VAL C 152 50.90 17.55 -21.16
C VAL C 152 52.24 16.91 -21.46
N GLN C 153 53.31 17.70 -21.33
CA GLN C 153 54.67 17.21 -21.47
C GLN C 153 55.41 17.35 -20.16
N TRP C 154 56.12 16.29 -19.78
CA TRP C 154 57.03 16.34 -18.65
C TRP C 154 58.44 16.57 -19.16
N LYS C 155 59.12 17.56 -18.58
CA LYS C 155 60.50 17.89 -18.95
C LYS C 155 61.36 18.01 -17.68
N VAL C 156 62.26 17.05 -17.48
CA VAL C 156 63.15 17.10 -16.33
C VAL C 156 64.53 17.52 -16.81
N ASP C 157 64.88 18.78 -16.57
CA ASP C 157 66.13 19.39 -17.10
C ASP C 157 66.07 19.59 -18.59
N ASN C 158 64.92 20.11 -19.05
CA ASN C 158 64.66 20.34 -20.48
C ASN C 158 64.50 19.08 -21.31
N ALA C 159 64.82 17.91 -20.75
CA ALA C 159 64.69 16.64 -21.45
C ALA C 159 63.25 16.17 -21.37
N LEU C 160 62.63 15.96 -22.53
CA LEU C 160 61.26 15.50 -22.61
C LEU C 160 61.18 14.06 -22.06
N GLN C 161 60.21 13.84 -21.18
CA GLN C 161 60.00 12.53 -20.59
C GLN C 161 59.02 11.67 -21.39
N SER C 162 59.13 10.37 -21.19
CA SER C 162 58.21 9.40 -21.77
C SER C 162 58.23 8.10 -20.99
N GLY C 163 57.07 7.46 -20.91
CA GLY C 163 56.97 6.14 -20.31
C GLY C 163 56.89 6.09 -18.80
N ASN C 164 56.78 7.26 -18.15
CA ASN C 164 56.88 7.33 -16.70
C ASN C 164 55.84 8.21 -16.05
N SER C 165 54.68 8.30 -16.69
CA SER C 165 53.59 9.12 -16.17
C SER C 165 52.22 8.51 -16.44
N GLN C 166 51.24 8.97 -15.66
CA GLN C 166 49.88 8.45 -15.70
C GLN C 166 48.91 9.61 -15.56
N GLU C 167 47.92 9.69 -16.47
CA GLU C 167 46.92 10.75 -16.47
C GLU C 167 45.60 10.21 -15.96
N SER C 168 44.85 11.06 -15.25
CA SER C 168 43.44 10.86 -14.99
C SER C 168 42.64 12.14 -15.24
N VAL C 169 41.51 12.01 -15.92
CA VAL C 169 40.63 13.12 -16.21
C VAL C 169 39.35 12.92 -15.41
N THR C 170 38.90 14.01 -14.79
CA THR C 170 37.65 14.00 -14.06
C THR C 170 36.48 13.89 -14.99
N GLU C 171 35.35 13.46 -14.43
CA GLU C 171 34.04 13.67 -15.03
C GLU C 171 33.80 15.15 -15.20
N GLN C 172 32.83 15.51 -16.02
CA GLN C 172 32.53 16.91 -16.23
C GLN C 172 31.93 17.52 -14.97
N ASP C 173 32.32 18.74 -14.65
CA ASP C 173 31.86 19.36 -13.43
C ASP C 173 30.37 19.69 -13.56
N SER C 174 29.62 19.37 -12.52
CA SER C 174 28.16 19.52 -12.57
C SER C 174 27.70 20.98 -12.36
N LYS C 175 28.64 21.91 -12.14
CA LYS C 175 28.29 23.33 -11.97
C LYS C 175 28.82 24.23 -13.08
N ASP C 176 30.11 24.10 -13.44
CA ASP C 176 30.71 24.92 -14.50
C ASP C 176 31.02 24.11 -15.78
N SER C 177 30.65 22.85 -15.83
CA SER C 177 30.85 22.00 -17.02
C SER C 177 32.30 21.92 -17.53
N THR C 178 33.29 22.02 -16.65
CA THR C 178 34.70 21.98 -17.02
C THR C 178 35.28 20.60 -16.69
N TYR C 179 36.53 20.41 -17.11
CA TYR C 179 37.30 19.19 -16.82
C TYR C 179 38.56 19.56 -16.03
N SER C 180 39.06 18.58 -15.28
CA SER C 180 40.32 18.67 -14.57
C SER C 180 41.16 17.45 -14.91
N LEU C 181 42.48 17.64 -14.98
CA LEU C 181 43.39 16.58 -15.35
C LEU C 181 44.59 16.53 -14.41
N SER C 182 44.92 15.32 -13.92
CA SER C 182 46.15 15.11 -13.12
C SER C 182 47.12 14.25 -13.87
N SER C 183 48.35 14.74 -14.05
CA SER C 183 49.43 13.95 -14.63
C SER C 183 50.48 13.73 -13.57
N THR C 184 50.72 12.48 -13.22
CA THR C 184 51.61 12.13 -12.14
C THR C 184 52.84 11.44 -12.70
N LEU C 185 54.01 12.05 -12.49
CA LEU C 185 55.28 11.53 -12.95
C LEU C 185 55.92 10.74 -11.83
N THR C 186 56.15 9.44 -12.07
CA THR C 186 56.68 8.56 -11.07
C THR C 186 58.04 8.04 -11.49
N LEU C 187 58.96 8.18 -10.55
CA LEU C 187 60.29 7.70 -10.69
C LEU C 187 60.77 7.50 -9.27
N SER C 188 62.05 7.43 -9.13
CA SER C 188 62.61 6.67 -8.08
CA SER C 188 62.61 6.68 -8.08
C SER C 188 63.42 7.67 -7.30
N LYS C 189 63.56 7.44 -6.01
CA LYS C 189 64.26 8.43 -5.25
C LYS C 189 65.57 8.68 -5.95
N ALA C 190 66.31 7.61 -6.23
CA ALA C 190 67.70 7.71 -6.65
C ALA C 190 67.85 8.61 -7.87
N ASP C 191 67.00 8.34 -8.86
CA ASP C 191 67.03 9.05 -10.14
C ASP C 191 66.37 10.43 -9.99
N TYR C 192 65.40 10.55 -9.09
CA TYR C 192 64.87 11.86 -8.72
C TYR C 192 65.94 12.79 -8.17
N GLU C 193 66.91 12.21 -7.48
CA GLU C 193 67.99 12.98 -6.90
C GLU C 193 69.04 13.46 -7.94
N LYS C 194 69.01 12.90 -9.15
CA LYS C 194 69.98 13.22 -10.19
C LYS C 194 69.77 14.58 -10.86
N HIS C 195 68.53 14.89 -11.23
CA HIS C 195 68.22 16.13 -11.98
C HIS C 195 67.76 17.27 -11.05
N LYS C 196 67.67 18.47 -11.61
CA LYS C 196 67.40 19.68 -10.82
C LYS C 196 66.02 20.26 -11.11
N VAL C 197 65.80 20.70 -12.35
CA VAL C 197 64.56 21.41 -12.74
C VAL C 197 63.53 20.42 -13.33
N TYR C 198 62.33 20.38 -12.73
CA TYR C 198 61.24 19.49 -13.16
C TYR C 198 60.07 20.34 -13.64
N ALA C 199 59.66 20.13 -14.88
CA ALA C 199 58.72 21.04 -15.55
C ALA C 199 57.55 20.33 -16.21
N CYS C 200 56.40 20.98 -16.13
CA CYS C 200 55.14 20.52 -16.71
C CYS C 200 54.65 21.57 -17.72
N GLU C 201 54.62 21.20 -18.99
CA GLU C 201 54.23 22.10 -20.07
C GLU C 201 52.90 21.69 -20.65
N VAL C 202 51.99 22.66 -20.76
CA VAL C 202 50.59 22.40 -21.03
C VAL C 202 50.12 23.14 -22.26
N THR C 203 49.53 22.39 -23.19
CA THR C 203 48.97 22.96 -24.42
C THR C 203 47.46 22.77 -24.40
N HIS C 204 46.73 23.83 -24.70
CA HIS C 204 45.26 23.82 -24.71
C HIS C 204 44.74 25.01 -25.53
N GLN C 205 43.55 24.86 -26.08
CA GLN C 205 42.99 25.83 -26.99
C GLN C 205 42.78 27.18 -26.35
N GLY C 206 42.34 27.17 -25.10
CA GLY C 206 42.28 28.36 -24.26
C GLY C 206 43.57 29.16 -24.01
N LEU C 207 44.74 28.57 -24.28
CA LEU C 207 46.03 29.23 -24.10
C LEU C 207 46.62 29.54 -25.47
N SER C 208 46.84 30.82 -25.76
CA SER C 208 47.49 31.22 -27.01
C SER C 208 48.98 30.87 -27.03
N SER C 209 49.57 30.65 -25.86
CA SER C 209 50.92 30.09 -25.75
C SER C 209 50.99 29.01 -24.65
N PRO C 210 51.71 27.89 -24.92
CA PRO C 210 51.96 26.82 -23.92
C PRO C 210 52.47 27.33 -22.57
N VAL C 211 51.74 26.99 -21.51
CA VAL C 211 52.08 27.40 -20.16
C VAL C 211 52.96 26.34 -19.53
N THR C 212 54.11 26.77 -18.99
CA THR C 212 54.99 25.85 -18.26
C THR C 212 55.02 26.19 -16.77
N LYS C 213 54.88 25.16 -15.93
CA LYS C 213 55.07 25.26 -14.46
C LYS C 213 56.20 24.33 -14.04
N SER C 214 57.12 24.85 -13.24
CA SER C 214 58.31 24.11 -12.85
C SER C 214 58.94 24.60 -11.54
N PHE C 215 59.82 23.77 -11.02
CA PHE C 215 60.53 24.08 -9.78
C PHE C 215 61.89 23.41 -9.84
N ASN C 216 62.75 23.76 -8.89
CA ASN C 216 64.03 23.08 -8.71
C ASN C 216 63.96 22.23 -7.45
N ARG C 217 64.59 21.05 -7.51
CA ARG C 217 64.61 20.11 -6.39
C ARG C 217 65.18 20.70 -5.07
N GLY C 218 64.32 21.35 -4.30
CA GLY C 218 64.70 21.98 -3.01
C GLY C 218 63.83 23.19 -2.70
N GLU C 219 64.30 24.37 -3.10
CA GLU C 219 63.54 25.62 -2.96
C GLU C 219 64.09 26.70 -3.89
N GLN D 1 16.24 12.87 5.19
CA GLN D 1 15.34 12.00 6.00
C GLN D 1 15.23 10.59 5.38
N VAL D 2 14.63 10.53 4.18
CA VAL D 2 14.30 9.28 3.49
C VAL D 2 15.53 8.74 2.77
N GLN D 3 16.05 7.60 3.19
CA GLN D 3 17.39 7.18 2.72
C GLN D 3 17.74 5.68 2.87
N LEU D 4 18.53 5.18 1.95
CA LEU D 4 19.03 3.82 1.98
C LEU D 4 20.55 3.86 2.07
N VAL D 5 21.07 3.29 3.15
CA VAL D 5 22.50 3.31 3.46
C VAL D 5 23.00 1.89 3.39
N GLN D 6 23.87 1.63 2.43
CA GLN D 6 24.42 0.30 2.19
C GLN D 6 25.68 0.07 3.02
N SER D 7 25.84 -1.16 3.50
CA SER D 7 27.08 -1.64 4.10
C SER D 7 27.50 -2.85 3.28
N GLY D 8 28.66 -3.41 3.59
CA GLY D 8 29.09 -4.65 2.94
C GLY D 8 30.35 -4.48 2.14
N GLY D 9 31.06 -5.59 1.99
CA GLY D 9 32.50 -5.56 1.71
C GLY D 9 32.77 -5.49 0.24
N GLY D 10 34.06 -5.41 -0.10
CA GLY D 10 34.53 -5.29 -1.46
C GLY D 10 35.11 -6.58 -2.00
N VAL D 11 36.34 -6.89 -1.61
CA VAL D 11 37.05 -8.03 -2.19
C VAL D 11 36.50 -9.41 -1.76
N VAL D 12 36.48 -10.34 -2.71
CA VAL D 12 35.97 -11.69 -2.49
C VAL D 12 36.64 -12.71 -3.44
N LYS D 13 36.98 -13.87 -2.89
CA LYS D 13 37.75 -14.86 -3.62
C LYS D 13 36.83 -15.70 -4.50
N PRO D 14 37.30 -16.12 -5.69
CA PRO D 14 36.44 -16.92 -6.60
C PRO D 14 35.88 -18.19 -5.96
N GLY D 15 34.55 -18.31 -5.97
CA GLY D 15 33.83 -19.41 -5.32
C GLY D 15 33.36 -19.15 -3.89
N ALA D 16 33.75 -18.03 -3.30
CA ALA D 16 33.43 -17.70 -1.92
C ALA D 16 32.04 -17.02 -1.80
N SER D 17 31.73 -16.52 -0.60
CA SER D 17 30.45 -15.92 -0.33
C SER D 17 30.59 -14.59 0.39
N SER D 18 29.82 -13.62 -0.06
CA SER D 18 29.83 -12.26 0.46
C SER D 18 28.39 -11.86 0.71
N ARG D 19 28.18 -11.09 1.78
CA ARG D 19 26.85 -10.60 2.11
C ARG D 19 26.81 -9.09 2.23
N LEU D 20 25.84 -8.49 1.55
CA LEU D 20 25.61 -7.06 1.54
C LEU D 20 24.39 -6.74 2.38
N SER D 21 24.35 -5.52 2.90
CA SER D 21 23.21 -5.08 3.68
C SER D 21 22.83 -3.64 3.36
N CYS D 22 21.63 -3.26 3.77
CA CYS D 22 21.13 -1.92 3.54
C CYS D 22 20.17 -1.50 4.63
N ALA D 23 20.47 -0.37 5.30
CA ALA D 23 19.60 0.17 6.36
C ALA D 23 18.67 1.19 5.71
N ALA D 24 17.38 1.07 6.00
CA ALA D 24 16.35 1.97 5.51
C ALA D 24 15.88 2.90 6.61
N SER D 25 15.55 4.14 6.24
CA SER D 25 15.07 5.14 7.20
C SER D 25 14.25 6.20 6.48
N GLY D 26 13.43 6.89 7.27
CA GLY D 26 12.64 7.99 6.78
C GLY D 26 11.33 7.57 6.15
N PHE D 27 11.01 6.27 6.20
CA PHE D 27 9.77 5.78 5.59
C PHE D 27 9.33 4.46 6.19
N THR D 28 8.06 4.14 6.01
CA THR D 28 7.51 2.89 6.47
C THR D 28 8.07 1.75 5.61
N PHE D 29 9.04 1.05 6.19
CA PHE D 29 9.77 0.01 5.51
C PHE D 29 8.91 -1.20 5.13
N THR D 30 7.99 -1.59 6.01
CA THR D 30 7.10 -2.70 5.75
C THR D 30 6.00 -2.38 4.72
N ASP D 31 5.95 -1.16 4.23
CA ASP D 31 5.02 -0.74 3.17
C ASP D 31 5.54 -1.03 1.77
N TYR D 32 6.82 -1.39 1.63
CA TYR D 32 7.46 -1.49 0.33
C TYR D 32 8.07 -2.85 0.01
N TYR D 33 8.20 -3.11 -1.28
CA TYR D 33 9.10 -4.13 -1.79
C TYR D 33 10.53 -3.57 -1.79
N MET D 34 11.53 -4.45 -1.69
CA MET D 34 12.92 -4.01 -1.88
C MET D 34 13.55 -4.78 -3.03
N SER D 35 14.44 -4.12 -3.76
CA SER D 35 15.15 -4.74 -4.86
C SER D 35 16.66 -4.52 -4.75
N TRP D 36 17.40 -5.45 -5.36
CA TRP D 36 18.84 -5.29 -5.56
C TRP D 36 19.10 -5.20 -7.05
N ILE D 37 20.05 -4.34 -7.42
CA ILE D 37 20.40 -4.07 -8.81
C ILE D 37 21.92 -3.89 -8.89
N ARG D 38 22.58 -4.51 -9.86
CA ARG D 38 24.03 -4.29 -10.02
C ARG D 38 24.34 -3.55 -11.31
N GLN D 39 25.48 -2.87 -11.31
CA GLN D 39 25.97 -2.16 -12.49
C GLN D 39 27.21 -2.86 -13.07
N ALA D 40 27.07 -3.37 -14.31
CA ALA D 40 28.15 -4.13 -14.97
C ALA D 40 29.29 -3.20 -15.39
N PRO D 41 30.51 -3.77 -15.55
CA PRO D 41 31.70 -2.92 -15.84
C PRO D 41 31.47 -1.84 -16.91
N GLY D 42 31.08 -2.26 -18.11
CA GLY D 42 30.59 -1.34 -19.14
C GLY D 42 29.12 -1.54 -19.44
N LYS D 43 28.57 -2.68 -19.00
CA LYS D 43 27.23 -3.19 -19.39
C LYS D 43 26.21 -2.82 -18.27
N GLY D 44 25.77 -1.56 -18.37
CA GLY D 44 24.82 -0.86 -17.50
C GLY D 44 24.21 -1.52 -16.29
N LEU D 45 22.88 -1.48 -16.21
CA LEU D 45 22.18 -1.84 -15.02
C LEU D 45 21.53 -3.18 -15.22
N GLU D 46 21.72 -4.07 -14.23
CA GLU D 46 21.08 -5.38 -14.22
C GLU D 46 20.31 -5.55 -12.91
N TRP D 47 18.99 -5.68 -12.97
CA TRP D 47 18.17 -6.05 -11.80
C TRP D 47 18.42 -7.49 -11.50
N VAL D 48 18.64 -7.78 -10.22
CA VAL D 48 19.06 -9.11 -9.77
C VAL D 48 17.99 -9.83 -8.91
N ALA D 49 17.30 -9.13 -8.01
CA ALA D 49 16.30 -9.75 -7.14
C ALA D 49 15.38 -8.75 -6.46
N TYR D 50 14.19 -9.20 -6.05
CA TYR D 50 13.31 -8.43 -5.16
C TYR D 50 12.72 -9.31 -4.08
N ILE D 51 12.22 -8.68 -3.03
CA ILE D 51 11.57 -9.36 -1.92
C ILE D 51 10.28 -8.59 -1.54
N THR D 52 9.22 -9.33 -1.23
CA THR D 52 7.91 -8.72 -0.99
C THR D 52 7.87 -8.13 0.42
N LYS D 53 6.83 -7.33 0.69
CA LYS D 53 6.70 -6.57 1.95
C LYS D 53 7.08 -7.34 3.22
N ASP D 54 6.58 -8.56 3.32
CA ASP D 54 6.88 -9.45 4.46
C ASP D 54 7.74 -10.55 3.89
N GLY D 55 8.99 -10.65 4.29
CA GLY D 55 9.96 -11.53 3.59
C GLY D 55 9.55 -12.90 3.00
N SER D 56 8.28 -13.09 2.68
CA SER D 56 7.68 -14.37 2.39
C SER D 56 8.05 -14.84 0.99
N GLU D 57 7.94 -13.95 -0.01
CA GLU D 57 8.20 -14.31 -1.40
C GLU D 57 9.43 -13.59 -1.96
N LYS D 58 10.14 -14.25 -2.86
CA LYS D 58 11.33 -13.70 -3.53
C LYS D 58 11.31 -14.03 -5.02
N LYS D 59 11.85 -13.12 -5.84
CA LYS D 59 12.05 -13.38 -7.25
C LYS D 59 13.48 -13.03 -7.62
N TYR D 60 14.09 -13.88 -8.44
CA TYR D 60 15.46 -13.71 -8.89
C TYR D 60 15.53 -13.74 -10.39
N ALA D 61 16.61 -13.22 -10.94
CA ALA D 61 16.90 -13.36 -12.35
C ALA D 61 17.49 -14.73 -12.59
N ASP D 62 17.09 -15.34 -13.70
CA ASP D 62 17.52 -16.70 -14.04
C ASP D 62 18.97 -16.73 -14.54
N SER D 63 19.44 -15.60 -15.08
CA SER D 63 20.86 -15.37 -15.39
C SER D 63 21.75 -15.84 -14.25
N LEU D 64 21.41 -15.38 -13.05
CA LEU D 64 22.00 -15.88 -11.81
C LEU D 64 21.43 -17.26 -11.60
N GLN D 65 22.28 -18.24 -11.36
CA GLN D 65 21.81 -19.63 -11.25
C GLN D 65 21.30 -19.94 -9.82
N HIS D 66 20.49 -19.02 -9.31
CA HIS D 66 20.05 -18.99 -7.92
C HIS D 66 21.17 -19.04 -6.88
N ARG D 67 22.28 -18.41 -7.25
CA ARG D 67 23.44 -18.23 -6.39
C ARG D 67 23.24 -17.09 -5.43
N PHE D 68 22.29 -16.22 -5.73
CA PHE D 68 22.00 -15.10 -4.85
C PHE D 68 20.75 -15.38 -4.02
N ALA D 69 20.78 -14.88 -2.77
CA ALA D 69 19.66 -14.98 -1.83
C ALA D 69 19.40 -13.64 -1.16
N VAL D 70 18.14 -13.22 -1.15
CA VAL D 70 17.77 -11.94 -0.58
C VAL D 70 16.87 -12.18 0.63
N SER D 71 17.03 -11.39 1.69
CA SER D 71 16.18 -11.50 2.88
C SER D 71 16.00 -10.12 3.52
N ARG D 72 15.24 -10.05 4.60
CA ARG D 72 15.06 -8.78 5.31
C ARG D 72 14.68 -8.95 6.76
N ASP D 73 15.07 -7.99 7.60
CA ASP D 73 14.68 -7.93 9.02
C ASP D 73 13.78 -6.71 9.20
N ASN D 74 12.48 -6.95 9.07
CA ASN D 74 11.50 -5.86 9.19
C ASN D 74 11.39 -5.22 10.56
N ALA D 75 11.98 -5.80 11.60
CA ALA D 75 11.98 -5.17 12.91
C ALA D 75 13.10 -4.14 13.05
N ASN D 76 14.13 -4.20 12.18
CA ASN D 76 15.25 -3.26 12.25
C ASN D 76 15.65 -2.62 10.92
N ASN D 77 14.69 -2.56 9.99
CA ASN D 77 14.84 -1.85 8.72
C ASN D 77 16.02 -2.28 7.87
N LEU D 78 16.19 -3.59 7.71
CA LEU D 78 17.35 -4.08 6.97
C LEU D 78 16.95 -4.99 5.81
N VAL D 79 17.66 -4.85 4.68
CA VAL D 79 17.59 -5.81 3.57
C VAL D 79 18.97 -6.39 3.39
N PHE D 80 19.03 -7.59 2.84
CA PHE D 80 20.31 -8.28 2.65
C PHE D 80 20.35 -8.94 1.30
N LEU D 81 21.53 -8.95 0.70
CA LEU D 81 21.79 -9.77 -0.46
C LEU D 81 22.99 -10.64 -0.20
N GLN D 82 22.83 -11.94 -0.36
CA GLN D 82 23.92 -12.89 -0.15
C GLN D 82 24.40 -13.32 -1.53
N LEU D 83 25.69 -13.18 -1.80
CA LEU D 83 26.26 -13.70 -3.06
C LEU D 83 27.00 -14.99 -2.72
N ASN D 84 26.65 -16.08 -3.40
CA ASN D 84 27.31 -17.35 -3.22
C ASN D 84 28.05 -17.78 -4.48
N THR D 85 29.10 -18.56 -4.29
CA THR D 85 29.87 -19.15 -5.39
C THR D 85 30.23 -18.06 -6.39
N VAL D 86 30.84 -17.00 -5.88
CA VAL D 86 31.14 -15.81 -6.69
C VAL D 86 32.03 -16.16 -7.88
N GLU D 87 31.59 -15.74 -9.05
CA GLU D 87 32.30 -15.97 -10.30
C GLU D 87 32.73 -14.61 -10.80
N ASP D 88 33.52 -14.62 -11.84
CA ASP D 88 34.12 -13.39 -12.30
C ASP D 88 33.16 -12.38 -12.93
N ASP D 89 31.97 -12.87 -13.21
CA ASP D 89 30.82 -12.11 -13.69
C ASP D 89 30.23 -11.18 -12.64
N ASP D 90 30.66 -11.31 -11.38
CA ASP D 90 30.02 -10.63 -10.26
C ASP D 90 30.75 -9.37 -9.77
N THR D 91 31.87 -9.04 -10.38
CA THR D 91 32.54 -7.79 -10.06
C THR D 91 31.70 -6.62 -10.59
N GLY D 92 31.38 -5.66 -9.73
CA GLY D 92 30.50 -4.56 -10.09
C GLY D 92 30.09 -3.71 -8.91
N VAL D 93 29.26 -2.70 -9.17
CA VAL D 93 28.67 -1.90 -8.10
C VAL D 93 27.23 -2.38 -7.87
N TYR D 94 26.93 -2.71 -6.62
CA TYR D 94 25.65 -3.29 -6.25
C TYR D 94 24.81 -2.24 -5.56
N TYR D 95 23.54 -2.17 -5.93
CA TYR D 95 22.60 -1.18 -5.40
C TYR D 95 21.46 -1.86 -4.69
N CYS D 96 21.07 -1.26 -3.59
CA CYS D 96 19.85 -1.55 -2.91
C CYS D 96 18.85 -0.50 -3.37
N ALA D 97 17.61 -0.88 -3.66
CA ALA D 97 16.61 0.07 -4.18
C ALA D 97 15.20 -0.18 -3.66
N ARG D 98 14.53 0.90 -3.27
CA ARG D 98 13.14 0.85 -2.90
C ARG D 98 12.30 0.63 -4.13
N ASP D 99 11.47 -0.40 -4.10
CA ASP D 99 10.75 -0.86 -5.27
C ASP D 99 9.30 -0.42 -5.14
N ASP D 100 8.90 0.51 -5.99
CA ASP D 100 7.53 1.04 -5.98
C ASP D 100 6.74 0.54 -7.21
N GLY D 101 5.61 -0.10 -6.94
CA GLY D 101 4.81 -0.74 -7.97
C GLY D 101 3.44 -1.19 -7.50
N TYR D 102 2.79 -2.00 -8.34
CA TYR D 102 1.54 -2.71 -8.00
C TYR D 102 1.66 -4.16 -8.46
N TYR D 103 0.87 -5.01 -7.85
CA TYR D 103 0.81 -6.41 -8.26
C TYR D 103 -0.63 -6.80 -8.49
N ASP D 104 -0.82 -7.84 -9.29
CA ASP D 104 -2.13 -8.42 -9.55
C ASP D 104 -2.00 -9.95 -9.73
N ARG D 105 -2.94 -10.58 -10.44
CA ARG D 105 -2.88 -12.00 -10.73
C ARG D 105 -1.64 -12.38 -11.54
N SER D 106 -1.31 -11.54 -12.51
CA SER D 106 -0.22 -11.80 -13.46
C SER D 106 1.19 -11.59 -12.90
N GLY D 107 1.33 -10.75 -11.86
CA GLY D 107 2.63 -10.56 -11.22
C GLY D 107 2.82 -9.17 -10.66
N TYR D 108 4.07 -8.72 -10.58
CA TYR D 108 4.42 -7.38 -10.04
C TYR D 108 5.03 -6.45 -11.11
N TYR D 109 4.62 -5.19 -11.10
CA TYR D 109 5.05 -4.18 -12.09
C TYR D 109 5.51 -2.93 -11.33
N GLY D 110 6.81 -2.66 -11.36
CA GLY D 110 7.42 -1.67 -10.46
C GLY D 110 8.55 -0.82 -11.01
N VAL D 111 9.02 0.06 -10.15
CA VAL D 111 9.91 1.13 -10.49
C VAL D 111 10.79 1.35 -9.28
N PHE D 112 12.00 1.87 -9.51
CA PHE D 112 13.00 2.02 -8.43
C PHE D 112 13.15 3.47 -8.05
N ASP D 113 12.37 3.92 -7.07
CA ASP D 113 12.24 5.37 -6.78
C ASP D 113 13.23 5.91 -5.78
N LEU D 114 13.94 5.06 -5.04
CA LEU D 114 14.96 5.50 -4.09
C LEU D 114 16.09 4.48 -4.02
N TRP D 115 17.34 4.95 -4.17
CA TRP D 115 18.48 4.05 -4.33
C TRP D 115 19.48 4.20 -3.20
N GLY D 116 20.19 3.13 -2.86
CA GLY D 116 21.34 3.24 -1.96
C GLY D 116 22.51 3.87 -2.68
N GLN D 117 23.51 4.31 -1.92
CA GLN D 117 24.71 4.96 -2.50
C GLN D 117 25.55 4.02 -3.35
N GLY D 118 25.27 2.72 -3.31
CA GLY D 118 26.01 1.74 -4.08
C GLY D 118 27.17 1.17 -3.27
N ILE D 119 27.47 -0.09 -3.49
CA ILE D 119 28.59 -0.73 -2.87
C ILE D 119 29.34 -1.56 -3.94
N ARG D 120 30.66 -1.49 -3.90
CA ARG D 120 31.51 -2.11 -4.91
C ARG D 120 32.01 -3.47 -4.43
N VAL D 121 31.80 -4.49 -5.26
CA VAL D 121 32.27 -5.84 -5.01
C VAL D 121 33.29 -6.20 -6.07
N THR D 122 34.46 -6.68 -5.64
CA THR D 122 35.52 -7.09 -6.55
C THR D 122 35.85 -8.57 -6.31
N VAL D 123 35.65 -9.38 -7.33
CA VAL D 123 35.99 -10.79 -7.26
C VAL D 123 37.46 -10.99 -7.65
N SER D 124 38.30 -11.18 -6.64
CA SER D 124 39.74 -11.32 -6.83
C SER D 124 40.36 -12.26 -5.80
N SER D 125 41.39 -13.00 -6.22
CA SER D 125 42.20 -13.80 -5.32
C SER D 125 43.49 -13.05 -4.95
N ALA D 126 43.61 -11.79 -5.35
CA ALA D 126 44.68 -10.93 -4.86
C ALA D 126 44.34 -10.46 -3.45
N SER D 127 45.34 -10.33 -2.60
CA SER D 127 45.13 -9.87 -1.23
C SER D 127 44.94 -8.36 -1.21
N THR D 128 44.25 -7.92 -0.15
CA THR D 128 43.95 -6.54 0.11
C THR D 128 45.22 -5.78 0.54
N LYS D 129 45.35 -4.54 0.08
CA LYS D 129 46.46 -3.68 0.50
C LYS D 129 45.98 -2.24 0.75
N GLY D 130 46.38 -1.68 1.90
CA GLY D 130 46.00 -0.32 2.28
C GLY D 130 46.94 0.71 1.66
N PRO D 131 46.41 1.91 1.35
CA PRO D 131 47.19 2.98 0.74
C PRO D 131 48.08 3.72 1.72
N SER D 132 49.19 4.25 1.21
CA SER D 132 50.01 5.22 1.95
C SER D 132 49.66 6.63 1.44
N VAL D 133 49.49 7.59 2.33
CA VAL D 133 48.94 8.92 1.97
C VAL D 133 49.99 10.00 2.15
N PHE D 134 50.12 10.84 1.13
CA PHE D 134 51.07 11.93 1.16
C PHE D 134 50.39 13.26 0.81
N PRO D 135 50.88 14.37 1.41
CA PRO D 135 50.34 15.68 1.09
C PRO D 135 50.84 16.22 -0.24
N LEU D 136 50.01 17.04 -0.86
CA LEU D 136 50.40 17.87 -1.97
C LEU D 136 50.41 19.29 -1.45
N ALA D 137 51.59 19.74 -1.05
CA ALA D 137 51.71 20.99 -0.32
C ALA D 137 51.60 22.16 -1.30
N PRO D 138 50.83 23.21 -0.94
CA PRO D 138 50.70 24.43 -1.79
C PRO D 138 52.02 25.19 -1.94
N SER D 139 52.37 25.57 -3.18
CA SER D 139 53.75 25.91 -3.53
C SER D 139 53.94 27.37 -3.90
N SER D 140 53.75 27.71 -5.18
CA SER D 140 54.44 28.86 -5.81
C SER D 140 53.56 29.63 -6.79
N LYS D 141 53.15 30.83 -6.38
CA LYS D 141 52.24 31.74 -7.14
C LYS D 141 50.83 31.88 -6.54
N SER D 142 50.00 30.84 -6.42
CA SER D 142 50.17 29.50 -7.00
C SER D 142 49.72 29.55 -8.48
N THR D 143 48.90 30.54 -8.82
CA THR D 143 48.46 30.76 -10.20
C THR D 143 48.59 32.19 -10.63
N SER D 144 48.23 33.16 -9.79
CA SER D 144 47.32 33.00 -8.68
C SER D 144 45.93 33.28 -9.23
N GLY D 145 45.50 34.53 -9.17
CA GLY D 145 44.08 34.87 -9.17
C GLY D 145 43.67 34.83 -7.71
N GLY D 146 44.67 35.06 -6.87
CA GLY D 146 44.67 34.68 -5.47
C GLY D 146 44.28 33.25 -5.16
N THR D 147 44.47 32.34 -6.10
CA THR D 147 44.02 30.96 -5.91
C THR D 147 45.23 30.08 -5.65
N ALA D 148 45.14 29.26 -4.61
CA ALA D 148 46.14 28.22 -4.35
C ALA D 148 45.49 26.84 -4.44
N ALA D 149 46.26 25.87 -4.89
CA ALA D 149 45.81 24.49 -5.00
C ALA D 149 46.64 23.62 -4.05
N LEU D 150 45.99 22.64 -3.46
CA LEU D 150 46.63 21.66 -2.57
C LEU D 150 45.84 20.36 -2.67
N GLY D 151 46.30 19.31 -1.98
CA GLY D 151 45.69 18.02 -2.10
C GLY D 151 46.42 16.90 -1.40
N CYS D 152 46.03 15.67 -1.70
CA CYS D 152 46.71 14.48 -1.19
C CYS D 152 46.81 13.40 -2.24
N LEU D 153 47.93 12.68 -2.18
CA LEU D 153 48.21 11.56 -3.07
C LEU D 153 47.97 10.26 -2.30
N VAL D 154 46.94 9.53 -2.69
CA VAL D 154 46.63 8.22 -2.14
C VAL D 154 47.22 7.19 -3.07
N LYS D 155 48.22 6.45 -2.61
CA LYS D 155 49.00 5.59 -3.49
C LYS D 155 49.07 4.14 -3.04
N ASP D 156 49.08 3.23 -4.02
CA ASP D 156 49.33 1.80 -3.81
C ASP D 156 48.31 1.13 -2.92
N TYR D 157 47.08 1.03 -3.40
CA TYR D 157 46.01 0.31 -2.68
C TYR D 157 45.28 -0.67 -3.57
N PHE D 158 44.63 -1.64 -2.91
CA PHE D 158 43.79 -2.60 -3.60
C PHE D 158 42.78 -3.25 -2.64
N PRO D 159 41.53 -3.42 -3.07
CA PRO D 159 41.00 -2.97 -4.35
C PRO D 159 40.38 -1.57 -4.24
N GLU D 160 39.71 -1.15 -5.30
CA GLU D 160 38.87 0.03 -5.25
C GLU D 160 37.66 -0.16 -4.31
N PRO D 161 37.12 0.91 -3.73
CA PRO D 161 37.59 2.29 -3.91
C PRO D 161 38.20 2.88 -2.64
N VAL D 162 38.69 4.10 -2.75
CA VAL D 162 38.98 4.91 -1.57
C VAL D 162 38.02 6.11 -1.57
N THR D 163 37.62 6.54 -0.38
CA THR D 163 36.89 7.78 -0.23
C THR D 163 37.83 8.83 0.32
N VAL D 164 37.81 10.00 -0.30
CA VAL D 164 38.53 11.14 0.21
C VAL D 164 37.56 12.29 0.38
N SER D 165 37.40 12.73 1.62
CA SER D 165 36.69 13.95 1.93
C SER D 165 37.70 14.94 2.50
N TRP D 166 37.25 16.17 2.73
CA TRP D 166 38.10 17.25 3.23
C TRP D 166 37.42 17.92 4.43
N ASN D 167 38.19 18.06 5.50
CA ASN D 167 37.72 18.61 6.76
C ASN D 167 36.38 17.99 7.18
N SER D 168 36.38 16.67 7.22
CA SER D 168 35.25 15.87 7.72
C SER D 168 33.97 16.09 6.95
N GLY D 169 34.09 16.52 5.70
CA GLY D 169 32.92 16.77 4.86
C GLY D 169 32.58 18.23 4.69
N ALA D 170 33.07 19.09 5.59
CA ALA D 170 32.77 20.53 5.55
C ALA D 170 33.50 21.33 4.45
N LEU D 171 34.39 20.68 3.70
CA LEU D 171 35.01 21.28 2.51
C LEU D 171 34.71 20.46 1.27
N THR D 172 33.79 20.95 0.45
CA THR D 172 33.37 20.26 -0.79
C THR D 172 33.54 21.05 -2.08
N SER D 173 33.47 22.38 -1.98
CA SER D 173 33.62 23.25 -3.15
C SER D 173 35.05 23.22 -3.63
N GLY D 174 35.25 23.25 -4.94
CA GLY D 174 36.58 23.29 -5.51
C GLY D 174 37.36 21.98 -5.38
N VAL D 175 36.72 20.95 -4.81
CA VAL D 175 37.33 19.66 -4.59
C VAL D 175 37.22 18.84 -5.88
N HIS D 176 38.33 18.23 -6.28
CA HIS D 176 38.34 17.25 -7.35
C HIS D 176 39.10 16.03 -6.87
N THR D 177 38.39 14.95 -6.59
CA THR D 177 39.01 13.66 -6.28
C THR D 177 39.02 12.82 -7.56
N PHE D 178 40.20 12.55 -8.08
CA PHE D 178 40.35 11.95 -9.41
C PHE D 178 39.98 10.48 -9.48
N PRO D 179 39.42 10.07 -10.64
CA PRO D 179 39.29 8.64 -10.94
C PRO D 179 40.61 7.94 -10.74
N ALA D 180 40.57 6.80 -10.06
CA ALA D 180 41.78 6.06 -9.76
C ALA D 180 42.46 5.55 -11.05
N VAL D 181 43.79 5.54 -11.04
CA VAL D 181 44.55 4.89 -12.12
C VAL D 181 45.03 3.52 -11.67
N LEU D 182 45.10 2.59 -12.62
CA LEU D 182 45.74 1.30 -12.39
C LEU D 182 47.23 1.46 -12.69
N GLN D 183 48.07 1.05 -11.76
CA GLN D 183 49.51 1.10 -11.94
C GLN D 183 50.00 -0.25 -12.45
N SER D 184 51.23 -0.25 -12.95
CA SER D 184 51.84 -1.47 -13.51
C SER D 184 51.99 -2.56 -12.43
N SER D 185 52.18 -2.15 -11.17
CA SER D 185 52.24 -3.06 -10.04
C SER D 185 50.94 -3.82 -9.82
N GLY D 186 49.82 -3.29 -10.32
CA GLY D 186 48.52 -3.89 -10.10
C GLY D 186 47.73 -3.20 -9.01
N LEU D 187 48.32 -2.15 -8.42
CA LEU D 187 47.69 -1.39 -7.37
C LEU D 187 47.14 -0.10 -7.94
N TYR D 188 46.23 0.51 -7.21
CA TYR D 188 45.59 1.75 -7.64
C TYR D 188 46.17 2.98 -6.94
N SER D 189 46.02 4.14 -7.59
CA SER D 189 46.43 5.42 -7.04
C SER D 189 45.60 6.57 -7.56
N LEU D 190 45.39 7.55 -6.70
CA LEU D 190 44.72 8.78 -7.08
C LEU D 190 45.24 9.95 -6.30
N SER D 191 44.80 11.14 -6.72
CA SER D 191 44.97 12.36 -5.96
C SER D 191 43.64 13.03 -5.79
N SER D 192 43.49 13.71 -4.65
CA SER D 192 42.32 14.51 -4.38
C SER D 192 42.80 15.92 -4.10
N VAL D 193 42.39 16.86 -4.95
CA VAL D 193 42.86 18.25 -4.86
C VAL D 193 41.72 19.22 -4.55
N VAL D 194 42.11 20.40 -4.09
CA VAL D 194 41.17 21.50 -3.87
C VAL D 194 41.84 22.87 -4.07
N THR D 195 41.10 23.83 -4.63
CA THR D 195 41.57 25.19 -4.77
C THR D 195 40.89 26.09 -3.73
N VAL D 196 41.69 26.99 -3.14
CA VAL D 196 41.29 27.85 -2.03
C VAL D 196 41.94 29.24 -2.23
N PRO D 197 41.55 30.24 -1.41
CA PRO D 197 42.26 31.51 -1.51
C PRO D 197 43.69 31.37 -1.02
N SER D 198 44.65 31.90 -1.76
CA SER D 198 46.02 31.88 -1.31
C SER D 198 46.21 32.80 -0.11
N SER D 199 45.35 33.81 0.01
CA SER D 199 45.39 34.75 1.11
C SER D 199 45.21 34.14 2.48
N SER D 200 44.39 33.12 2.59
CA SER D 200 44.08 32.55 3.90
C SER D 200 44.83 31.23 4.20
N LEU D 201 46.00 31.03 3.60
CA LEU D 201 46.74 29.77 3.76
C LEU D 201 47.30 29.56 5.15
N GLY D 202 47.58 30.64 5.86
CA GLY D 202 48.07 30.57 7.23
C GLY D 202 46.97 30.33 8.26
N THR D 203 45.84 30.97 8.06
CA THR D 203 44.72 30.90 9.01
C THR D 203 43.80 29.68 8.88
N GLN D 204 43.75 29.07 7.70
CA GLN D 204 42.83 27.97 7.44
C GLN D 204 43.57 26.64 7.50
N THR D 205 42.88 25.63 7.98
CA THR D 205 43.42 24.29 8.15
C THR D 205 42.76 23.38 7.15
N TYR D 206 43.56 22.58 6.46
CA TYR D 206 43.07 21.67 5.40
C TYR D 206 43.53 20.23 5.67
N ILE D 207 42.57 19.33 5.91
CA ILE D 207 42.90 17.95 6.27
C ILE D 207 42.18 16.97 5.35
N CYS D 208 42.95 15.96 4.88
CA CYS D 208 42.46 14.80 4.10
C CYS D 208 41.70 13.86 5.00
N ASN D 209 40.68 13.19 4.48
CA ASN D 209 40.03 12.11 5.23
C ASN D 209 39.92 10.94 4.27
N VAL D 210 41.00 10.17 4.23
CA VAL D 210 41.11 9.03 3.34
C VAL D 210 40.55 7.84 4.07
N ASN D 211 39.69 7.09 3.40
CA ASN D 211 39.15 5.86 3.95
C ASN D 211 39.16 4.73 2.92
N HIS D 212 39.96 3.69 3.20
CA HIS D 212 39.98 2.46 2.40
C HIS D 212 39.47 1.28 3.25
N LYS D 213 38.19 0.98 3.06
CA LYS D 213 37.48 0.01 3.91
C LYS D 213 37.92 -1.43 3.78
N PRO D 214 38.23 -1.90 2.55
CA PRO D 214 38.71 -3.29 2.43
C PRO D 214 39.93 -3.63 3.31
N SER D 215 40.76 -2.64 3.62
CA SER D 215 41.91 -2.81 4.53
C SER D 215 41.69 -2.19 5.90
N ASN D 216 40.50 -1.64 6.14
CA ASN D 216 40.20 -0.82 7.33
C ASN D 216 41.28 0.23 7.58
N THR D 217 41.61 0.97 6.52
CA THR D 217 42.60 2.04 6.59
C THR D 217 41.90 3.39 6.59
N LYS D 218 42.00 4.11 7.70
CA LYS D 218 41.55 5.49 7.79
C LYS D 218 42.76 6.34 8.12
N VAL D 219 42.99 7.39 7.34
CA VAL D 219 44.11 8.32 7.57
C VAL D 219 43.65 9.76 7.35
N ASP D 220 44.00 10.62 8.30
CA ASP D 220 43.85 12.07 8.15
C ASP D 220 45.25 12.68 8.04
N LYS D 221 45.43 13.54 7.05
CA LYS D 221 46.71 14.21 6.82
C LYS D 221 46.50 15.70 6.75
N ARG D 222 47.21 16.45 7.60
CA ARG D 222 47.16 17.89 7.57
C ARG D 222 48.12 18.37 6.49
N VAL D 223 47.56 19.08 5.52
CA VAL D 223 48.30 19.58 4.39
C VAL D 223 48.66 21.04 4.66
N GLU D 224 49.95 21.32 4.86
CA GLU D 224 50.44 22.67 5.20
C GLU D 224 51.31 23.20 4.06
N PRO D 225 51.60 24.52 4.03
CA PRO D 225 52.37 25.06 2.90
C PRO D 225 53.87 24.73 2.79
N LYS D 226 54.34 23.68 3.47
CA LYS D 226 55.72 23.21 3.34
C LYS D 226 56.68 24.01 4.30
N SER D 227 57.91 24.35 3.88
CA SER D 227 58.98 24.86 4.78
C SER D 227 60.36 24.64 4.16
N ILE E 13 -2.97 -10.91 -6.21
CA ILE E 13 -4.12 -10.66 -7.14
C ILE E 13 -4.59 -9.20 -7.16
N TRP E 14 -4.18 -8.40 -6.16
CA TRP E 14 -4.27 -6.92 -6.20
C TRP E 14 -3.78 -6.24 -4.92
N GLY E 15 -2.72 -5.44 -5.05
CA GLY E 15 -2.24 -4.58 -3.97
C GLY E 15 -1.10 -3.72 -4.48
N CYS E 16 -0.43 -3.00 -3.58
CA CYS E 16 0.46 -1.91 -3.93
C CYS E 16 1.74 -1.94 -3.13
N SER E 17 2.89 -1.93 -3.80
CA SER E 17 4.18 -1.66 -3.15
C SER E 17 4.48 -0.20 -3.23
N GLY E 18 4.38 0.48 -2.10
CA GLY E 18 4.53 1.92 -2.07
C GLY E 18 3.22 2.60 -2.38
N LYS E 19 3.32 3.80 -2.91
CA LYS E 19 2.15 4.57 -3.30
C LYS E 19 2.24 5.06 -4.74
N LEU E 20 3.44 5.46 -5.18
CA LEU E 20 3.60 6.22 -6.40
C LEU E 20 2.95 5.63 -7.65
N ILE E 21 3.40 4.42 -8.00
CA ILE E 21 2.91 3.72 -9.19
C ILE E 21 1.41 3.43 -9.16
N CYS E 22 0.86 3.06 -8.02
CA CYS E 22 -0.57 2.74 -8.07
C CYS E 22 -1.49 3.94 -7.91
N THR E 23 -0.96 5.09 -7.51
CA THR E 23 -1.74 6.34 -7.53
C THR E 23 -1.75 7.03 -8.90
N THR E 24 -1.03 6.50 -9.87
CA THR E 24 -0.96 7.11 -11.19
C THR E 24 -1.22 6.14 -12.33
N ALA E 25 -1.56 4.90 -12.01
CA ALA E 25 -1.84 3.88 -13.02
C ALA E 25 -3.32 3.92 -13.40
N VAL E 26 -3.93 5.08 -13.35
CA VAL E 26 -5.37 5.15 -13.07
C VAL E 26 -6.26 4.44 -14.10
N PRO E 27 -6.47 4.97 -15.32
CA PRO E 27 -5.80 6.13 -15.87
C PRO E 27 -6.64 7.40 -15.70
N ILE F 13 3.55 10.26 6.24
CA ILE F 13 3.00 11.37 5.42
C ILE F 13 2.66 11.03 3.96
N TRP F 14 2.51 9.73 3.59
CA TRP F 14 1.99 9.28 2.26
C TRP F 14 2.03 7.77 1.98
N GLY F 15 0.87 7.13 2.09
CA GLY F 15 0.76 5.70 1.76
C GLY F 15 -0.68 5.26 1.69
N CYS F 16 -0.89 3.94 1.64
CA CYS F 16 -2.14 3.33 1.27
C CYS F 16 -2.55 2.21 2.20
N SER F 17 -3.70 2.32 2.85
CA SER F 17 -4.35 1.16 3.48
C SER F 17 -5.11 0.45 2.38
N GLY F 18 -4.54 -0.68 1.95
CA GLY F 18 -5.06 -1.45 0.85
C GLY F 18 -4.76 -0.81 -0.50
N LYS F 19 -5.79 -0.81 -1.34
CA LYS F 19 -5.76 -0.20 -2.66
C LYS F 19 -7.21 -0.09 -3.02
N LEU F 20 -7.58 0.92 -3.78
CA LEU F 20 -8.95 1.14 -4.24
C LEU F 20 -9.13 2.61 -4.15
N ILE F 21 -8.97 3.13 -2.92
CA ILE F 21 -9.07 4.56 -2.72
C ILE F 21 -7.84 5.22 -3.32
N CYS F 22 -6.65 4.62 -3.22
CA CYS F 22 -5.49 5.32 -3.80
C CYS F 22 -5.20 4.95 -5.25
N THR F 23 -5.84 3.91 -5.78
CA THR F 23 -5.85 3.74 -7.24
C THR F 23 -6.85 4.63 -7.97
N THR F 24 -7.74 5.31 -7.24
CA THR F 24 -8.77 6.15 -7.86
C THR F 24 -8.85 7.57 -7.31
N ALA F 25 -7.86 8.00 -6.54
CA ALA F 25 -7.89 9.34 -5.94
C ALA F 25 -7.44 10.46 -6.88
N VAL F 26 -6.48 10.18 -7.76
CA VAL F 26 -5.78 11.23 -8.50
C VAL F 26 -6.57 12.05 -9.53
N PRO F 27 -7.38 11.40 -10.41
CA PRO F 27 -7.89 12.23 -11.53
C PRO F 27 -8.69 13.45 -11.11
MG MG G . -38.08 -6.36 -2.54
#